data_3O6B
#
_entry.id   3O6B
#
_cell.length_a   123.914
_cell.length_b   123.914
_cell.length_c   192.558
_cell.angle_alpha   90.00
_cell.angle_beta   90.00
_cell.angle_gamma   120.00
#
_symmetry.space_group_name_H-M   'P 61'
#
loop_
_entity.id
_entity.type
_entity.pdbx_description
1 polymer 'Defective in cullin neddylation protein 1'
2 polymer 'Cell division control protein 53'
#
loop_
_entity_poly.entity_id
_entity_poly.type
_entity_poly.pdbx_seq_one_letter_code
_entity_poly.pdbx_strand_id
1 'polypeptide(L)'
;GSVYPKELTQVFEHYINNNLFDIDSLVKFIEELGYNLEDLATLCLAHLLGYKKLEEPLKREDFLSTWFMQGCSTISDMQE
CIKTLDVKLHEDLQYFTQIYNYAFNLILDPNRKDIDTDEGIQYWKLFFQPEYPVRMEPDLLEAWFRFLRDEGKTTISKDT
WRMLLLFFKRYPTIQKIISDYDETAAWPFIIDEFYECLQDQQ
;
A,C,E,G,I
2 'polypeptide(L)' GSELNTERQIFLEACIVRIMKAKRNLPHTTLVNECIAQSHQRFNAKVSMVKRAIDSLIQKGYLQRGDDGESYAYLA B,D,F,H,J
#
# COMPACT_ATOMS: atom_id res chain seq x y z
N PRO A 5 -11.37 32.79 -69.64
CA PRO A 5 -12.70 32.37 -69.12
C PRO A 5 -13.09 33.24 -67.91
N LYS A 6 -14.16 34.01 -68.06
CA LYS A 6 -14.57 34.93 -67.00
C LYS A 6 -14.89 34.30 -65.65
N GLU A 7 -15.46 33.09 -65.67
CA GLU A 7 -15.81 32.38 -64.42
C GLU A 7 -14.57 32.10 -63.59
N LEU A 8 -13.52 31.62 -64.26
CA LEU A 8 -12.28 31.34 -63.59
C LEU A 8 -11.81 32.57 -62.85
N THR A 9 -11.52 33.66 -63.57
CA THR A 9 -11.04 34.84 -62.89
C THR A 9 -12.04 35.34 -61.86
N GLN A 10 -13.29 34.87 -61.93
CA GLN A 10 -14.31 35.27 -60.96
C GLN A 10 -14.19 34.46 -59.67
N VAL A 11 -13.88 33.17 -59.82
CA VAL A 11 -13.71 32.28 -58.69
C VAL A 11 -12.48 32.72 -57.90
N PHE A 12 -11.35 32.79 -58.60
CA PHE A 12 -10.10 33.21 -57.98
C PHE A 12 -10.32 34.50 -57.20
N GLU A 13 -11.08 35.42 -57.79
CA GLU A 13 -11.37 36.71 -57.16
C GLU A 13 -12.31 36.60 -55.97
N HIS A 14 -12.96 35.44 -55.81
CA HIS A 14 -13.89 35.23 -54.71
C HIS A 14 -13.18 34.88 -53.42
N TYR A 15 -12.20 33.99 -53.49
CA TYR A 15 -11.49 33.57 -52.29
C TYR A 15 -10.27 34.37 -51.87
N ILE A 16 -9.98 35.44 -52.59
CA ILE A 16 -8.83 36.28 -52.28
C ILE A 16 -8.98 37.13 -51.00
N ASN A 17 -7.88 37.22 -50.25
CA ASN A 17 -7.82 38.01 -49.03
C ASN A 17 -6.70 39.01 -49.28
N ASN A 18 -6.94 40.28 -48.98
CA ASN A 18 -5.97 41.37 -49.18
C ASN A 18 -5.15 41.20 -50.48
N ASN A 19 -5.87 41.02 -51.58
CA ASN A 19 -5.28 40.88 -52.90
C ASN A 19 -4.33 39.69 -53.11
N LEU A 20 -4.52 38.65 -52.29
CA LEU A 20 -3.70 37.44 -52.33
C LEU A 20 -4.49 36.15 -52.23
N PHE A 21 -3.95 35.07 -52.79
CA PHE A 21 -4.58 33.76 -52.68
C PHE A 21 -3.64 32.97 -51.76
N ASP A 22 -3.62 33.38 -50.50
CA ASP A 22 -2.78 32.77 -49.50
C ASP A 22 -3.32 31.48 -48.88
N ILE A 23 -2.70 31.07 -47.78
CA ILE A 23 -3.09 29.84 -47.14
C ILE A 23 -4.53 29.86 -46.66
N ASP A 24 -4.95 30.96 -46.03
CA ASP A 24 -6.34 31.04 -45.55
C ASP A 24 -7.39 31.05 -46.65
N SER A 25 -6.96 31.31 -47.89
CA SER A 25 -7.90 31.34 -48.99
C SER A 25 -7.99 29.96 -49.60
N LEU A 26 -6.93 29.19 -49.45
CA LEU A 26 -6.91 27.83 -49.97
C LEU A 26 -7.79 26.97 -49.06
N VAL A 27 -7.75 27.29 -47.78
CA VAL A 27 -8.54 26.59 -46.81
C VAL A 27 -10.02 26.82 -47.12
N LYS A 28 -10.39 28.10 -47.32
CA LYS A 28 -11.78 28.42 -47.60
C LYS A 28 -12.25 27.89 -48.97
N PHE A 29 -11.31 27.60 -49.87
CA PHE A 29 -11.63 27.09 -51.21
C PHE A 29 -11.86 25.57 -51.23
N ILE A 30 -10.95 24.81 -50.61
CA ILE A 30 -11.10 23.35 -50.61
C ILE A 30 -12.26 22.89 -49.75
N GLU A 31 -12.59 23.69 -48.74
CA GLU A 31 -13.71 23.36 -47.89
C GLU A 31 -15.02 23.53 -48.66
N GLU A 32 -15.05 24.46 -49.59
CA GLU A 32 -16.26 24.65 -50.36
C GLU A 32 -16.36 23.43 -51.24
N LEU A 33 -15.24 22.88 -51.69
CA LEU A 33 -15.32 21.71 -52.55
C LEU A 33 -15.67 20.46 -51.76
N GLY A 34 -15.64 20.57 -50.43
CA GLY A 34 -16.01 19.44 -49.60
C GLY A 34 -14.90 18.74 -48.86
N TYR A 35 -13.73 19.35 -48.82
CA TYR A 35 -12.62 18.71 -48.15
C TYR A 35 -12.05 19.48 -46.96
N ASN A 36 -10.88 19.01 -46.50
CA ASN A 36 -10.11 19.57 -45.38
C ASN A 36 -8.70 19.74 -45.85
N LEU A 37 -7.96 20.64 -45.23
CA LEU A 37 -6.58 20.88 -45.60
C LEU A 37 -5.64 19.67 -45.40
N GLU A 38 -5.94 18.86 -44.38
CA GLU A 38 -5.14 17.69 -44.01
C GLU A 38 -5.31 16.45 -44.89
N ASP A 39 -6.32 16.46 -45.75
CA ASP A 39 -6.66 15.34 -46.63
C ASP A 39 -5.71 15.05 -47.78
N LEU A 40 -5.64 13.78 -48.20
CA LEU A 40 -4.77 13.41 -49.31
C LEU A 40 -5.23 14.04 -50.63
N ALA A 41 -6.50 14.42 -50.67
CA ALA A 41 -7.03 15.02 -51.88
C ALA A 41 -6.39 16.40 -52.06
N THR A 42 -6.14 17.07 -50.94
CA THR A 42 -5.55 18.39 -50.97
C THR A 42 -4.13 18.25 -51.49
N LEU A 43 -3.51 17.14 -51.14
CA LEU A 43 -2.17 16.88 -51.65
C LEU A 43 -2.36 16.82 -53.15
N CYS A 44 -3.39 16.12 -53.61
CA CYS A 44 -3.61 16.03 -55.05
C CYS A 44 -3.87 17.37 -55.72
N LEU A 45 -4.64 18.21 -55.03
CA LEU A 45 -4.98 19.52 -55.56
C LEU A 45 -3.75 20.39 -55.62
N ALA A 46 -2.99 20.39 -54.52
CA ALA A 46 -1.77 21.16 -54.36
C ALA A 46 -0.80 20.81 -55.48
N HIS A 47 -0.62 19.53 -55.67
CA HIS A 47 0.26 19.03 -56.70
C HIS A 47 -0.19 19.50 -58.09
N LEU A 48 -1.50 19.51 -58.36
CA LEU A 48 -2.00 19.93 -59.66
C LEU A 48 -1.73 21.41 -59.95
N LEU A 49 -2.04 22.26 -58.97
CA LEU A 49 -1.83 23.70 -59.12
C LEU A 49 -0.32 24.00 -59.06
N GLY A 50 0.47 22.97 -58.77
CA GLY A 50 1.92 23.09 -58.69
C GLY A 50 2.48 23.84 -57.47
N TYR A 51 1.97 23.56 -56.28
CA TYR A 51 2.47 24.23 -55.10
C TYR A 51 3.84 23.70 -54.87
N LYS A 52 4.63 24.42 -54.09
CA LYS A 52 5.98 23.97 -53.75
C LYS A 52 5.96 23.77 -52.25
N LYS A 53 5.33 24.69 -51.51
CA LYS A 53 5.16 24.54 -50.08
C LYS A 53 3.82 25.17 -49.73
N LEU A 54 3.01 24.38 -49.04
CA LEU A 54 1.65 24.74 -48.66
C LEU A 54 1.21 26.18 -48.31
N GLU A 55 1.97 26.90 -47.49
CA GLU A 55 1.57 28.24 -47.07
C GLU A 55 1.88 29.33 -48.07
N GLU A 56 2.76 29.00 -49.03
CA GLU A 56 3.21 29.91 -50.09
C GLU A 56 2.06 30.30 -51.05
N PRO A 57 1.85 31.62 -51.29
CA PRO A 57 0.81 32.21 -52.16
C PRO A 57 0.62 31.57 -53.52
N LEU A 58 -0.62 31.53 -54.02
CA LEU A 58 -0.83 30.98 -55.36
C LEU A 58 -1.06 32.15 -56.30
N LYS A 59 -0.24 32.22 -57.36
CA LYS A 59 -0.34 33.29 -58.34
C LYS A 59 -1.55 33.14 -59.27
N ARG A 60 -2.26 34.25 -59.50
CA ARG A 60 -3.44 34.26 -60.38
C ARG A 60 -3.18 33.45 -61.64
N GLU A 61 -2.21 33.92 -62.40
CA GLU A 61 -1.83 33.28 -63.64
C GLU A 61 -1.70 31.76 -63.49
N ASP A 62 -1.35 31.32 -62.29
CA ASP A 62 -1.19 29.89 -62.03
C ASP A 62 -2.55 29.19 -61.87
N PHE A 63 -3.43 29.81 -61.11
CA PHE A 63 -4.76 29.29 -60.87
C PHE A 63 -5.52 29.26 -62.20
N LEU A 64 -5.66 30.42 -62.84
CA LEU A 64 -6.36 30.54 -64.13
C LEU A 64 -5.81 29.58 -65.18
N SER A 65 -4.52 29.30 -65.11
CA SER A 65 -3.84 28.44 -66.06
C SER A 65 -4.11 26.94 -65.92
N THR A 66 -4.04 26.42 -64.69
CA THR A 66 -4.28 24.99 -64.46
C THR A 66 -5.74 24.62 -64.64
N TRP A 67 -6.62 25.42 -64.03
CA TRP A 67 -8.05 25.16 -64.12
C TRP A 67 -8.55 25.11 -65.56
N PHE A 68 -8.00 25.98 -66.41
CA PHE A 68 -8.38 26.00 -67.80
C PHE A 68 -7.76 24.81 -68.51
N MET A 69 -6.58 24.40 -68.07
CA MET A 69 -5.97 23.27 -68.74
C MET A 69 -6.85 22.04 -68.67
N GLN A 70 -7.49 21.83 -67.52
CA GLN A 70 -8.35 20.66 -67.31
C GLN A 70 -9.66 20.74 -68.10
N GLY A 71 -10.37 21.85 -67.95
CA GLY A 71 -11.62 21.99 -68.65
C GLY A 71 -12.70 22.26 -67.63
N CYS A 72 -12.36 23.06 -66.64
CA CYS A 72 -13.30 23.39 -65.60
C CYS A 72 -13.58 24.85 -65.70
N SER A 73 -14.77 25.24 -65.29
CA SER A 73 -15.13 26.64 -65.34
C SER A 73 -16.03 26.96 -64.16
N THR A 74 -16.51 25.91 -63.53
CA THR A 74 -17.39 26.03 -62.38
C THR A 74 -16.76 25.50 -61.09
N ILE A 75 -17.42 25.67 -59.96
CA ILE A 75 -16.88 25.07 -58.79
C ILE A 75 -17.20 23.63 -59.01
N SER A 76 -18.44 23.38 -59.45
CA SER A 76 -18.89 22.01 -59.69
C SER A 76 -17.92 21.22 -60.57
N ASP A 77 -17.19 21.90 -61.45
CA ASP A 77 -16.23 21.24 -62.32
C ASP A 77 -14.96 20.91 -61.57
N MET A 78 -14.57 21.85 -60.70
CA MET A 78 -13.36 21.73 -59.91
C MET A 78 -13.52 20.58 -58.95
N GLN A 79 -14.66 20.57 -58.29
CA GLN A 79 -14.98 19.53 -57.33
C GLN A 79 -14.94 18.17 -58.01
N GLU A 80 -15.42 18.16 -59.24
CA GLU A 80 -15.47 16.95 -60.03
C GLU A 80 -14.05 16.46 -60.31
N CYS A 81 -13.17 17.40 -60.62
CA CYS A 81 -11.75 17.12 -60.94
C CYS A 81 -10.96 16.46 -59.81
N ILE A 82 -11.03 17.07 -58.63
CA ILE A 82 -10.35 16.57 -57.46
C ILE A 82 -10.81 15.16 -57.12
N LYS A 83 -12.12 14.95 -57.17
CA LYS A 83 -12.70 13.63 -56.89
C LYS A 83 -12.04 12.58 -57.80
N THR A 84 -11.68 13.00 -59.00
CA THR A 84 -11.05 12.06 -59.89
C THR A 84 -9.65 11.81 -59.38
N LEU A 85 -9.00 12.87 -58.92
CA LEU A 85 -7.63 12.73 -58.43
C LEU A 85 -7.65 11.87 -57.22
N ASP A 86 -8.55 12.15 -56.28
CA ASP A 86 -8.62 11.37 -55.06
C ASP A 86 -8.86 9.90 -55.35
N VAL A 87 -9.63 9.63 -56.39
CA VAL A 87 -9.91 8.27 -56.76
C VAL A 87 -8.66 7.67 -57.41
N LYS A 88 -7.97 8.46 -58.21
CA LYS A 88 -6.77 7.96 -58.83
C LYS A 88 -5.78 7.57 -57.74
N LEU A 89 -5.80 8.30 -56.63
CA LEU A 89 -4.88 8.02 -55.54
C LEU A 89 -5.13 6.64 -54.94
N HIS A 90 -6.36 6.13 -55.12
CA HIS A 90 -6.75 4.83 -54.59
C HIS A 90 -6.59 3.72 -55.60
N GLU A 91 -6.58 4.04 -56.89
CA GLU A 91 -6.49 2.98 -57.90
C GLU A 91 -5.16 2.87 -58.68
N ASP A 92 -4.47 4.00 -58.86
CA ASP A 92 -3.20 4.03 -59.58
C ASP A 92 -1.98 4.10 -58.67
N LEU A 93 -1.23 3.02 -58.61
CA LEU A 93 -0.03 2.90 -57.78
C LEU A 93 1.07 3.88 -58.17
N GLN A 94 1.05 4.33 -59.43
CA GLN A 94 2.02 5.30 -59.93
C GLN A 94 1.71 6.66 -59.30
N TYR A 95 0.46 7.06 -59.40
CA TYR A 95 0.05 8.32 -58.84
C TYR A 95 0.22 8.28 -57.32
N PHE A 96 -0.14 7.15 -56.72
CA PHE A 96 -0.04 7.06 -55.28
C PHE A 96 1.40 7.35 -54.89
N THR A 97 2.33 6.69 -55.58
CA THR A 97 3.74 6.87 -55.27
C THR A 97 4.16 8.29 -55.57
N GLN A 98 3.82 8.74 -56.78
CA GLN A 98 4.18 10.08 -57.14
C GLN A 98 3.70 11.08 -56.09
N ILE A 99 2.48 10.92 -55.58
CA ILE A 99 1.98 11.88 -54.56
C ILE A 99 2.58 11.67 -53.16
N TYR A 100 2.90 10.42 -52.84
CA TYR A 100 3.48 10.11 -51.56
C TYR A 100 4.78 10.88 -51.41
N ASN A 101 5.59 10.84 -52.46
CA ASN A 101 6.88 11.50 -52.50
C ASN A 101 6.74 13.00 -52.54
N TYR A 102 5.74 13.46 -53.27
CA TYR A 102 5.52 14.89 -53.38
C TYR A 102 5.10 15.49 -52.03
N ALA A 103 4.49 14.67 -51.19
CA ALA A 103 4.01 15.14 -49.91
C ALA A 103 5.05 15.67 -48.98
N PHE A 104 6.17 14.96 -48.85
CA PHE A 104 7.23 15.36 -47.91
C PHE A 104 7.63 16.82 -48.00
N ASN A 105 8.09 17.28 -49.16
CA ASN A 105 8.48 18.69 -49.30
C ASN A 105 7.39 19.67 -48.92
N LEU A 106 6.14 19.33 -49.25
CA LEU A 106 4.99 20.16 -48.92
C LEU A 106 4.88 20.23 -47.40
N ILE A 107 4.79 19.09 -46.73
CA ILE A 107 4.71 19.05 -45.28
C ILE A 107 5.98 19.71 -44.64
N LEU A 108 7.13 19.49 -45.28
CA LEU A 108 8.41 20.01 -44.81
C LEU A 108 8.67 21.51 -44.66
N ASP A 109 9.13 21.85 -43.46
CA ASP A 109 9.46 23.21 -43.11
C ASP A 109 10.81 23.64 -43.75
N PRO A 110 10.79 24.77 -44.46
CA PRO A 110 11.93 25.34 -45.14
C PRO A 110 12.92 25.77 -44.07
N ASN A 111 12.48 25.89 -42.84
CA ASN A 111 13.40 26.24 -41.80
C ASN A 111 13.87 24.88 -41.27
N ARG A 112 13.99 23.86 -42.13
CA ARG A 112 14.39 22.54 -41.65
C ARG A 112 14.67 21.57 -42.80
N LYS A 113 15.34 20.47 -42.46
CA LYS A 113 15.65 19.44 -43.44
C LYS A 113 14.87 18.14 -43.21
N ASP A 114 14.22 18.03 -42.05
CA ASP A 114 13.41 16.88 -41.66
C ASP A 114 12.02 17.37 -41.27
N ILE A 115 11.09 16.44 -41.05
CA ILE A 115 9.74 16.78 -40.58
C ILE A 115 9.71 16.13 -39.21
N ASP A 116 8.78 16.50 -38.35
CA ASP A 116 8.72 15.88 -37.04
C ASP A 116 7.89 14.62 -37.16
N THR A 117 8.22 13.62 -36.36
CA THR A 117 7.49 12.37 -36.43
C THR A 117 6.02 12.58 -36.22
N ASP A 118 5.67 13.56 -35.41
CA ASP A 118 4.28 13.87 -35.14
C ASP A 118 3.53 14.04 -36.48
N GLU A 119 3.99 14.99 -37.28
CA GLU A 119 3.41 15.30 -38.59
C GLU A 119 3.48 14.13 -39.61
N GLY A 120 4.55 13.34 -39.54
CA GLY A 120 4.67 12.24 -40.47
C GLY A 120 3.61 11.19 -40.23
N ILE A 121 3.46 10.76 -38.98
CA ILE A 121 2.49 9.74 -38.61
C ILE A 121 1.10 10.08 -39.08
N GLN A 122 0.71 11.34 -38.92
CA GLN A 122 -0.62 11.79 -39.37
C GLN A 122 -0.88 11.37 -40.79
N TYR A 123 0.03 11.74 -41.69
CA TYR A 123 -0.07 11.40 -43.10
C TYR A 123 0.11 9.91 -43.40
N TRP A 124 0.81 9.21 -42.52
CA TRP A 124 0.99 7.79 -42.74
C TRP A 124 -0.31 7.06 -42.48
N LYS A 125 -1.07 7.56 -41.51
CA LYS A 125 -2.35 6.97 -41.14
C LYS A 125 -3.29 6.99 -42.34
N LEU A 126 -3.15 8.00 -43.20
CA LEU A 126 -4.01 8.13 -44.37
C LEU A 126 -3.49 7.37 -45.57
N PHE A 127 -2.18 7.46 -45.78
CA PHE A 127 -1.53 6.82 -46.90
C PHE A 127 -1.58 5.32 -46.83
N PHE A 128 -1.34 4.75 -45.66
CA PHE A 128 -1.31 3.31 -45.56
C PHE A 128 -2.55 2.60 -45.04
N GLN A 129 -3.72 3.19 -45.33
CA GLN A 129 -5.01 2.62 -44.95
C GLN A 129 -5.22 1.32 -45.69
N PRO A 130 -5.91 0.36 -45.07
CA PRO A 130 -6.15 -0.92 -45.72
C PRO A 130 -6.67 -0.79 -47.15
N GLU A 131 -7.61 0.11 -47.34
CA GLU A 131 -8.20 0.35 -48.65
C GLU A 131 -7.20 0.63 -49.81
N TYR A 132 -6.20 1.48 -49.57
CA TYR A 132 -5.22 1.89 -50.60
C TYR A 132 -4.28 0.90 -51.30
N PRO A 133 -3.75 1.29 -52.49
CA PRO A 133 -2.84 0.54 -53.37
C PRO A 133 -1.69 -0.21 -52.72
N VAL A 134 -1.22 0.25 -51.57
CA VAL A 134 -0.16 -0.46 -50.87
C VAL A 134 -0.87 -1.09 -49.70
N ARG A 135 -1.42 -2.28 -49.93
CA ARG A 135 -2.17 -2.99 -48.89
C ARG A 135 -1.28 -3.61 -47.80
N MET A 136 -1.66 -3.41 -46.54
CA MET A 136 -0.89 -3.96 -45.43
C MET A 136 -1.71 -4.17 -44.17
N GLU A 137 -1.26 -5.10 -43.32
CA GLU A 137 -1.94 -5.40 -42.06
C GLU A 137 -1.87 -4.18 -41.17
N PRO A 138 -3.03 -3.68 -40.71
CA PRO A 138 -3.08 -2.50 -39.84
C PRO A 138 -2.23 -2.66 -38.59
N ASP A 139 -1.92 -3.92 -38.27
CA ASP A 139 -1.11 -4.21 -37.10
C ASP A 139 0.33 -3.76 -37.31
N LEU A 140 0.83 -3.86 -38.55
CA LEU A 140 2.19 -3.42 -38.86
C LEU A 140 2.32 -1.89 -38.70
N LEU A 141 1.44 -1.16 -39.37
CA LEU A 141 1.45 0.28 -39.31
C LEU A 141 1.39 0.75 -37.87
N GLU A 142 0.71 -0.04 -37.05
CA GLU A 142 0.58 0.29 -35.65
C GLU A 142 1.94 0.03 -35.05
N ALA A 143 2.58 -1.06 -35.49
CA ALA A 143 3.91 -1.44 -34.99
C ALA A 143 4.87 -0.26 -35.19
N TRP A 144 5.10 0.09 -36.45
CA TRP A 144 5.96 1.21 -36.82
C TRP A 144 5.71 2.45 -35.95
N PHE A 145 4.45 2.82 -35.74
CA PHE A 145 4.19 3.99 -34.92
C PHE A 145 4.64 3.76 -33.48
N ARG A 146 4.33 2.57 -32.94
CA ARG A 146 4.70 2.23 -31.57
C ARG A 146 6.21 2.39 -31.38
N PHE A 147 6.97 1.84 -32.33
CA PHE A 147 8.44 1.90 -32.33
C PHE A 147 8.92 3.36 -32.45
N LEU A 148 8.33 4.12 -33.34
CA LEU A 148 8.72 5.49 -33.51
C LEU A 148 8.55 6.28 -32.24
N ARG A 149 7.45 6.08 -31.53
CA ARG A 149 7.23 6.85 -30.30
C ARG A 149 7.99 6.33 -29.08
N ASP A 150 8.39 5.06 -29.10
CA ASP A 150 9.12 4.52 -27.96
C ASP A 150 10.62 4.81 -28.00
N GLU A 151 11.28 4.49 -29.10
CA GLU A 151 12.71 4.73 -29.25
C GLU A 151 13.02 6.22 -29.32
N GLY A 152 11.99 7.04 -29.11
CA GLY A 152 12.14 8.48 -29.12
C GLY A 152 12.62 9.14 -30.42
N LYS A 153 12.27 8.56 -31.57
CA LYS A 153 12.64 9.11 -32.88
C LYS A 153 11.67 10.29 -33.07
N THR A 154 12.18 11.51 -33.01
CA THR A 154 11.33 12.71 -33.13
C THR A 154 11.25 13.33 -34.52
N THR A 155 12.20 13.01 -35.38
CA THR A 155 12.19 13.57 -36.71
C THR A 155 12.46 12.51 -37.77
N ILE A 156 11.95 12.74 -38.97
CA ILE A 156 12.13 11.81 -40.07
C ILE A 156 12.63 12.54 -41.30
N SER A 157 13.61 11.96 -41.98
CA SER A 157 14.25 12.56 -43.16
C SER A 157 13.66 12.14 -44.48
N LYS A 158 13.80 12.99 -45.50
CA LYS A 158 13.26 12.67 -46.82
C LYS A 158 13.64 11.28 -47.31
N ASP A 159 14.87 10.84 -47.00
CA ASP A 159 15.35 9.52 -47.43
C ASP A 159 14.57 8.40 -46.75
N THR A 160 14.50 8.48 -45.44
CA THR A 160 13.77 7.49 -44.69
C THR A 160 12.35 7.42 -45.28
N TRP A 161 11.76 8.60 -45.42
CA TRP A 161 10.40 8.75 -45.93
C TRP A 161 10.17 8.07 -47.26
N ARG A 162 11.00 8.43 -48.24
CA ARG A 162 10.81 7.84 -49.53
C ARG A 162 11.17 6.34 -49.50
N MET A 163 11.92 5.93 -48.48
CA MET A 163 12.30 4.53 -48.43
C MET A 163 11.27 3.65 -47.74
N LEU A 164 10.55 4.20 -46.76
CA LEU A 164 9.53 3.40 -46.08
C LEU A 164 8.44 2.92 -47.08
N LEU A 165 8.16 3.69 -48.14
CA LEU A 165 7.18 3.26 -49.13
C LEU A 165 7.69 1.95 -49.75
N LEU A 166 8.87 1.98 -50.38
CA LEU A 166 9.47 0.81 -51.00
C LEU A 166 9.51 -0.37 -50.03
N PHE A 167 9.72 -0.08 -48.74
CA PHE A 167 9.76 -1.09 -47.67
C PHE A 167 8.41 -1.80 -47.50
N PHE A 168 7.37 -1.02 -47.18
CA PHE A 168 6.05 -1.62 -47.00
C PHE A 168 5.57 -2.30 -48.28
N LYS A 169 6.07 -1.88 -49.45
CA LYS A 169 5.67 -2.52 -50.69
C LYS A 169 6.22 -3.95 -50.74
N ARG A 170 7.42 -4.15 -50.21
CA ARG A 170 8.00 -5.48 -50.23
C ARG A 170 7.40 -6.31 -49.07
N TYR A 171 7.25 -5.69 -47.90
CA TYR A 171 6.75 -6.37 -46.70
C TYR A 171 5.37 -5.93 -46.16
N PRO A 172 4.31 -6.73 -46.39
CA PRO A 172 3.02 -6.28 -45.88
C PRO A 172 2.67 -6.86 -44.50
N THR A 173 3.48 -7.81 -44.03
CA THR A 173 3.22 -8.48 -42.74
C THR A 173 4.37 -8.55 -41.73
N ILE A 174 4.10 -8.19 -40.48
CA ILE A 174 5.10 -8.30 -39.42
C ILE A 174 5.70 -9.71 -39.62
N GLN A 175 4.88 -10.62 -40.14
CA GLN A 175 5.31 -11.99 -40.38
C GLN A 175 6.39 -12.04 -41.43
N LYS A 176 6.04 -11.64 -42.65
CA LYS A 176 6.98 -11.64 -43.77
C LYS A 176 8.30 -10.95 -43.47
N ILE A 177 8.34 -10.06 -42.47
CA ILE A 177 9.58 -9.36 -42.12
C ILE A 177 10.48 -10.31 -41.35
N ILE A 178 9.99 -10.79 -40.22
CA ILE A 178 10.76 -11.69 -39.40
C ILE A 178 11.20 -12.86 -40.27
N SER A 179 10.42 -13.16 -41.29
CA SER A 179 10.76 -14.24 -42.19
C SER A 179 12.03 -14.05 -43.00
N ASP A 180 12.06 -13.03 -43.86
CA ASP A 180 13.22 -12.83 -44.74
C ASP A 180 13.84 -11.46 -44.81
N TYR A 181 13.41 -10.55 -43.95
CA TYR A 181 14.01 -9.22 -43.98
C TYR A 181 15.51 -9.37 -43.91
N ASP A 182 16.20 -8.76 -44.86
CA ASP A 182 17.64 -8.85 -44.90
C ASP A 182 18.40 -7.55 -44.49
N GLU A 183 18.77 -7.46 -43.21
CA GLU A 183 19.48 -6.32 -42.62
C GLU A 183 20.85 -5.95 -43.22
N THR A 184 21.20 -6.58 -44.33
CA THR A 184 22.46 -6.31 -44.98
C THR A 184 22.13 -5.54 -46.23
N ALA A 185 20.96 -4.92 -46.27
CA ALA A 185 20.53 -4.20 -47.47
C ALA A 185 20.36 -2.69 -47.30
N ALA A 186 20.15 -2.00 -48.43
CA ALA A 186 19.99 -0.57 -48.42
C ALA A 186 18.99 0.03 -47.46
N TRP A 187 18.06 -0.77 -46.92
CA TRP A 187 17.11 -0.17 -45.98
C TRP A 187 17.91 0.66 -45.01
N PRO A 188 17.50 1.93 -44.78
CA PRO A 188 18.15 2.86 -43.89
C PRO A 188 18.30 2.20 -42.54
N PHE A 189 19.32 2.60 -41.79
CA PHE A 189 19.54 2.01 -40.49
C PHE A 189 18.28 2.06 -39.64
N ILE A 190 17.48 3.12 -39.79
CA ILE A 190 16.28 3.26 -38.98
C ILE A 190 15.33 2.07 -39.12
N ILE A 191 15.25 1.52 -40.32
CA ILE A 191 14.38 0.38 -40.53
C ILE A 191 14.94 -0.82 -39.79
N ASP A 192 16.27 -0.98 -39.78
CA ASP A 192 16.89 -2.11 -39.09
C ASP A 192 16.56 -2.11 -37.62
N GLU A 193 16.58 -0.93 -37.02
CA GLU A 193 16.26 -0.82 -35.63
C GLU A 193 14.82 -1.29 -35.41
N PHE A 194 13.97 -1.00 -36.39
CA PHE A 194 12.58 -1.44 -36.31
C PHE A 194 12.64 -2.96 -36.34
N TYR A 195 13.28 -3.52 -37.37
CA TYR A 195 13.43 -4.97 -37.54
C TYR A 195 13.94 -5.68 -36.29
N GLU A 196 14.84 -5.03 -35.56
CA GLU A 196 15.38 -5.59 -34.32
C GLU A 196 14.35 -5.38 -33.22
N CYS A 197 13.43 -4.45 -33.45
CA CYS A 197 12.38 -4.15 -32.47
C CYS A 197 11.31 -5.23 -32.49
N LEU A 198 11.24 -5.99 -33.57
CA LEU A 198 10.24 -7.04 -33.64
C LEU A 198 10.67 -8.27 -32.84
N GLN A 199 9.77 -8.68 -31.94
CA GLN A 199 9.89 -9.83 -31.03
C GLN A 199 9.10 -9.53 -29.74
N GLU B 7 31.71 5.61 -31.22
CA GLU B 7 31.86 7.10 -31.31
C GLU B 7 32.79 7.52 -32.46
N ARG B 8 33.61 6.58 -32.93
CA ARG B 8 34.53 6.87 -34.03
C ARG B 8 34.28 6.00 -35.26
N GLN B 9 33.13 6.25 -35.88
CA GLN B 9 32.68 5.58 -37.10
C GLN B 9 33.12 6.55 -38.19
N ILE B 10 33.76 7.64 -37.74
CA ILE B 10 34.29 8.72 -38.58
C ILE B 10 35.28 8.29 -39.69
N PHE B 11 36.18 7.34 -39.39
CA PHE B 11 37.11 6.85 -40.41
C PHE B 11 36.24 6.34 -41.54
N LEU B 12 35.17 5.65 -41.16
CA LEU B 12 34.22 5.05 -42.08
C LEU B 12 33.61 6.06 -43.04
N GLU B 13 33.13 7.19 -42.52
CA GLU B 13 32.54 8.21 -43.39
C GLU B 13 33.65 8.68 -44.32
N ALA B 14 34.83 8.94 -43.74
CA ALA B 14 36.00 9.37 -44.46
C ALA B 14 36.30 8.40 -45.61
N CYS B 15 36.17 7.12 -45.30
CA CYS B 15 36.43 6.06 -46.24
C CYS B 15 35.44 6.06 -47.40
N ILE B 16 34.15 6.12 -47.08
CA ILE B 16 33.11 6.10 -48.12
C ILE B 16 33.26 7.20 -49.16
N VAL B 17 33.42 8.44 -48.71
CA VAL B 17 33.57 9.59 -49.62
C VAL B 17 34.83 9.49 -50.47
N ARG B 18 35.85 8.85 -49.91
CA ARG B 18 37.12 8.64 -50.59
C ARG B 18 36.80 7.71 -51.78
N ILE B 19 36.07 6.65 -51.48
CA ILE B 19 35.68 5.68 -52.49
C ILE B 19 34.63 6.24 -53.44
N MET B 20 33.69 7.00 -52.87
CA MET B 20 32.59 7.56 -53.65
C MET B 20 33.00 8.71 -54.52
N LYS B 21 34.06 9.40 -54.13
CA LYS B 21 34.56 10.53 -54.92
C LYS B 21 35.28 10.01 -56.17
N ALA B 22 36.09 8.98 -55.97
CA ALA B 22 36.83 8.36 -57.05
C ALA B 22 35.87 7.56 -57.94
N LYS B 23 35.07 6.69 -57.34
CA LYS B 23 34.14 5.87 -58.11
C LYS B 23 32.93 6.58 -58.74
N ARG B 24 32.31 7.52 -58.02
CA ARG B 24 31.19 8.29 -58.56
C ARG B 24 29.84 7.63 -58.80
N ASN B 25 29.59 6.49 -58.19
CA ASN B 25 28.32 5.81 -58.39
C ASN B 25 28.56 4.33 -58.23
N LEU B 26 27.90 3.74 -57.26
CA LEU B 26 28.09 2.33 -57.00
C LEU B 26 26.78 1.69 -56.58
N PRO B 27 26.74 0.38 -56.50
CA PRO B 27 25.58 -0.40 -56.06
C PRO B 27 25.77 -0.45 -54.55
N HIS B 28 24.70 -0.59 -53.77
CA HIS B 28 24.87 -0.64 -52.32
C HIS B 28 25.84 -1.67 -51.80
N THR B 29 25.64 -2.91 -52.23
CA THR B 29 26.45 -4.04 -51.81
C THR B 29 27.91 -3.83 -52.15
N THR B 30 28.19 -3.40 -53.38
CA THR B 30 29.55 -3.13 -53.83
C THR B 30 30.25 -2.21 -52.83
N LEU B 31 29.72 -1.01 -52.66
CA LEU B 31 30.33 -0.08 -51.73
C LEU B 31 30.30 -0.59 -50.31
N VAL B 32 29.21 -1.21 -49.88
CA VAL B 32 29.15 -1.66 -48.49
C VAL B 32 30.24 -2.68 -48.17
N ASN B 33 30.74 -3.38 -49.21
CA ASN B 33 31.78 -4.40 -49.03
C ASN B 33 33.11 -3.83 -49.52
N GLU B 34 33.07 -3.12 -50.65
CA GLU B 34 34.29 -2.53 -51.19
C GLU B 34 34.89 -1.59 -50.16
N CYS B 35 34.02 -0.96 -49.37
CA CYS B 35 34.43 -0.02 -48.34
C CYS B 35 34.99 -0.84 -47.20
N ILE B 36 34.35 -1.97 -46.89
CA ILE B 36 34.80 -2.85 -45.81
C ILE B 36 36.19 -3.43 -46.16
N ALA B 37 36.36 -3.78 -47.44
CA ALA B 37 37.63 -4.31 -47.92
C ALA B 37 38.71 -3.42 -47.32
N GLN B 38 38.93 -2.26 -47.92
CA GLN B 38 39.94 -1.34 -47.42
C GLN B 38 39.36 -0.66 -46.21
N SER B 39 38.35 -1.30 -45.61
CA SER B 39 37.68 -0.73 -44.42
C SER B 39 38.33 -1.22 -43.16
N HIS B 40 38.47 -2.54 -43.00
CA HIS B 40 39.14 -3.04 -41.80
C HIS B 40 40.47 -2.36 -41.83
N GLN B 41 41.44 -3.10 -41.32
CA GLN B 41 42.82 -2.56 -41.27
C GLN B 41 43.08 -1.65 -40.11
N ARG B 42 42.07 -1.23 -39.38
CA ARG B 42 42.26 -0.37 -38.26
C ARG B 42 41.48 -1.09 -37.21
N PHE B 43 40.76 -2.08 -37.72
CA PHE B 43 39.90 -3.02 -37.04
C PHE B 43 38.61 -3.36 -37.80
N ASN B 44 38.06 -4.53 -37.48
CA ASN B 44 36.85 -5.04 -38.09
C ASN B 44 35.64 -4.20 -37.90
N ALA B 45 34.88 -4.02 -38.97
CA ALA B 45 33.67 -3.21 -38.77
C ALA B 45 32.46 -3.95 -39.40
N LYS B 46 31.47 -4.12 -38.56
CA LYS B 46 30.27 -4.81 -38.92
C LYS B 46 29.52 -4.04 -39.99
N VAL B 47 28.89 -4.80 -40.89
CA VAL B 47 28.11 -4.21 -41.99
C VAL B 47 27.01 -3.30 -41.48
N SER B 48 26.80 -3.34 -40.17
CA SER B 48 25.84 -2.45 -39.54
C SER B 48 26.48 -1.06 -39.66
N MET B 49 27.63 -0.93 -39.01
CA MET B 49 28.42 0.29 -38.97
C MET B 49 28.59 1.00 -40.32
N VAL B 50 29.09 0.31 -41.36
CA VAL B 50 29.26 0.99 -42.65
C VAL B 50 27.94 1.54 -43.14
N LYS B 51 26.85 0.92 -42.74
CA LYS B 51 25.55 1.38 -43.20
C LYS B 51 25.16 2.71 -42.58
N ARG B 52 25.44 2.86 -41.29
CA ARG B 52 25.12 4.09 -40.59
C ARG B 52 25.92 5.27 -41.14
N ALA B 53 27.06 4.96 -41.74
CA ALA B 53 27.92 5.97 -42.32
C ALA B 53 27.20 6.53 -43.52
N ILE B 54 26.74 5.63 -44.38
CA ILE B 54 26.00 5.99 -45.57
C ILE B 54 24.87 6.94 -45.16
N ASP B 55 24.11 6.57 -44.14
CA ASP B 55 23.04 7.41 -43.66
C ASP B 55 23.59 8.76 -43.25
N SER B 56 24.68 8.76 -42.52
CA SER B 56 25.26 10.01 -42.08
C SER B 56 25.63 10.90 -43.25
N LEU B 57 26.24 10.32 -44.29
CA LEU B 57 26.64 11.05 -45.50
C LEU B 57 25.43 11.42 -46.35
N ILE B 58 24.43 10.54 -46.36
CA ILE B 58 23.21 10.81 -47.10
C ILE B 58 22.60 12.08 -46.53
N GLN B 59 22.62 12.17 -45.21
CA GLN B 59 22.06 13.33 -44.52
C GLN B 59 22.93 14.57 -44.57
N LYS B 60 24.24 14.42 -44.71
CA LYS B 60 25.11 15.59 -44.74
C LYS B 60 25.02 16.26 -46.09
N GLY B 61 24.86 15.48 -47.15
CA GLY B 61 24.78 16.08 -48.45
C GLY B 61 25.77 15.48 -49.42
N TYR B 62 26.56 14.53 -48.93
CA TYR B 62 27.56 13.86 -49.77
C TYR B 62 27.00 12.84 -50.78
N LEU B 63 26.04 12.02 -50.34
CA LEU B 63 25.45 11.01 -51.21
C LEU B 63 23.97 11.20 -51.47
N GLN B 64 23.56 10.83 -52.68
CA GLN B 64 22.18 10.88 -53.12
C GLN B 64 21.83 9.45 -53.58
N ARG B 65 20.87 8.81 -52.89
CA ARG B 65 20.42 7.45 -53.22
C ARG B 65 19.77 7.39 -54.60
N GLY B 66 20.15 6.40 -55.40
CA GLY B 66 19.60 6.26 -56.74
C GLY B 66 18.12 5.98 -56.71
N ASP B 67 17.44 6.19 -57.84
CA ASP B 67 15.99 5.95 -57.95
C ASP B 67 15.53 4.57 -57.50
N ASP B 68 16.23 3.55 -58.00
CA ASP B 68 15.89 2.18 -57.66
C ASP B 68 15.91 1.89 -56.16
N GLY B 69 16.63 2.69 -55.41
CA GLY B 69 16.68 2.51 -53.97
C GLY B 69 17.84 1.69 -53.48
N GLU B 70 18.69 1.24 -54.38
CA GLU B 70 19.83 0.42 -54.00
C GLU B 70 21.17 0.83 -54.54
N SER B 71 21.35 2.13 -54.77
CA SER B 71 22.61 2.63 -55.30
C SER B 71 22.89 4.02 -54.74
N TYR B 72 24.15 4.40 -54.69
CA TYR B 72 24.47 5.71 -54.16
C TYR B 72 25.24 6.50 -55.22
N ALA B 73 25.01 7.81 -55.27
CA ALA B 73 25.68 8.70 -56.22
C ALA B 73 26.35 9.88 -55.47
N TYR B 74 27.62 10.15 -55.81
CA TYR B 74 28.38 11.24 -55.17
C TYR B 74 28.02 12.65 -55.65
N LEU B 75 27.43 13.45 -54.78
CA LEU B 75 27.06 14.80 -55.18
C LEU B 75 28.27 15.74 -55.09
N ALA B 76 28.25 16.79 -55.90
CA ALA B 76 29.29 17.83 -55.97
C ALA B 76 30.38 17.85 -54.87
N SER C 2 30.50 21.86 17.68
CA SER C 2 29.69 22.28 16.49
C SER C 2 28.35 21.60 16.52
N VAL C 3 27.34 22.30 16.04
CA VAL C 3 25.97 21.79 16.02
C VAL C 3 25.81 20.39 15.43
N TYR C 4 26.35 20.19 14.23
CA TYR C 4 26.22 18.91 13.55
C TYR C 4 27.55 18.18 13.34
N PRO C 5 27.53 16.84 13.19
CA PRO C 5 28.75 16.05 12.98
C PRO C 5 29.50 16.63 11.79
N LYS C 6 30.84 16.53 11.81
CA LYS C 6 31.65 17.04 10.70
C LYS C 6 31.45 16.16 9.45
N GLU C 7 31.26 14.84 9.66
CA GLU C 7 31.05 13.90 8.55
C GLU C 7 29.93 14.35 7.65
N LEU C 8 28.84 14.76 8.30
CA LEU C 8 27.62 15.23 7.67
C LEU C 8 27.85 16.46 6.77
N THR C 9 28.43 17.50 7.37
CA THR C 9 28.70 18.72 6.64
C THR C 9 29.57 18.45 5.43
N GLN C 10 30.51 17.52 5.57
CA GLN C 10 31.40 17.22 4.45
C GLN C 10 30.64 16.59 3.30
N VAL C 11 29.66 15.74 3.60
CA VAL C 11 28.87 15.13 2.53
C VAL C 11 28.30 16.33 1.79
N PHE C 12 27.63 17.19 2.53
CA PHE C 12 27.03 18.37 1.91
C PHE C 12 28.04 19.15 1.10
N GLU C 13 29.20 19.42 1.68
CA GLU C 13 30.17 20.20 0.92
C GLU C 13 30.75 19.47 -0.26
N HIS C 14 30.53 18.17 -0.34
CA HIS C 14 31.07 17.39 -1.44
C HIS C 14 30.23 17.47 -2.68
N TYR C 15 28.92 17.34 -2.54
CA TYR C 15 28.02 17.37 -3.71
C TYR C 15 27.62 18.75 -4.21
N ILE C 16 27.85 19.78 -3.39
CA ILE C 16 27.51 21.15 -3.73
C ILE C 16 28.19 21.64 -5.01
N ASN C 17 27.42 22.36 -5.81
CA ASN C 17 27.89 22.89 -7.08
C ASN C 17 28.01 24.42 -6.99
N ASN C 18 29.25 24.86 -6.81
CA ASN C 18 29.62 26.26 -6.67
C ASN C 18 28.69 27.02 -5.73
N ASN C 19 28.72 26.64 -4.46
CA ASN C 19 27.92 27.26 -3.39
C ASN C 19 26.41 27.04 -3.32
N LEU C 20 25.89 26.13 -4.10
CA LEU C 20 24.47 25.84 -4.02
C LEU C 20 24.29 24.33 -4.17
N PHE C 21 23.29 23.76 -3.49
CA PHE C 21 23.01 22.33 -3.63
C PHE C 21 21.90 22.38 -4.67
N ASP C 22 22.28 22.64 -5.91
CA ASP C 22 21.34 22.75 -7.02
C ASP C 22 20.77 21.44 -7.51
N ILE C 23 20.18 21.52 -8.69
CA ILE C 23 19.58 20.35 -9.28
C ILE C 23 20.66 19.35 -9.65
N ASP C 24 21.80 19.85 -10.14
CA ASP C 24 22.88 18.95 -10.52
C ASP C 24 23.45 18.30 -9.27
N SER C 25 23.33 19.00 -8.15
CA SER C 25 23.83 18.46 -6.90
C SER C 25 22.93 17.28 -6.57
N LEU C 26 21.64 17.55 -6.44
CA LEU C 26 20.66 16.53 -6.14
C LEU C 26 20.74 15.30 -7.10
N VAL C 27 21.09 15.52 -8.36
CA VAL C 27 21.15 14.41 -9.29
C VAL C 27 22.33 13.52 -8.97
N LYS C 28 23.53 14.09 -8.91
CA LYS C 28 24.71 13.28 -8.68
C LYS C 28 24.72 12.62 -7.30
N PHE C 29 23.90 13.15 -6.38
CA PHE C 29 23.78 12.60 -5.03
C PHE C 29 23.00 11.28 -5.11
N ILE C 30 21.82 11.31 -5.70
CA ILE C 30 21.07 10.07 -5.78
C ILE C 30 21.66 9.12 -6.81
N GLU C 31 22.43 9.64 -7.74
CA GLU C 31 23.05 8.80 -8.74
C GLU C 31 24.10 7.97 -7.97
N GLU C 32 24.68 8.57 -6.94
CA GLU C 32 25.70 7.88 -6.18
C GLU C 32 25.08 6.76 -5.37
N LEU C 33 24.02 7.10 -4.63
CA LEU C 33 23.32 6.11 -3.82
C LEU C 33 22.75 5.02 -4.73
N GLY C 34 22.67 5.28 -6.02
CA GLY C 34 22.17 4.29 -6.97
C GLY C 34 20.79 4.51 -7.59
N TYR C 35 20.29 5.75 -7.62
CA TYR C 35 18.98 5.99 -8.19
C TYR C 35 18.97 7.05 -9.28
N ASN C 36 17.85 7.19 -9.98
CA ASN C 36 17.70 8.18 -11.04
C ASN C 36 16.85 9.35 -10.53
N LEU C 37 16.77 10.43 -11.31
CA LEU C 37 15.97 11.54 -10.83
C LEU C 37 14.48 11.29 -11.01
N GLU C 38 14.11 10.38 -11.93
CA GLU C 38 12.69 10.05 -12.14
C GLU C 38 12.21 8.82 -11.32
N ASP C 39 13.13 8.19 -10.59
CA ASP C 39 12.87 7.04 -9.71
C ASP C 39 11.85 7.50 -8.64
N LEU C 40 10.93 6.62 -8.26
CA LEU C 40 9.94 6.98 -7.24
C LEU C 40 10.63 7.30 -5.95
N ALA C 41 11.77 6.62 -5.75
CA ALA C 41 12.58 6.76 -4.54
C ALA C 41 13.05 8.22 -4.34
N THR C 42 13.27 8.92 -5.46
CA THR C 42 13.70 10.31 -5.42
C THR C 42 12.59 11.14 -4.81
N LEU C 43 11.35 10.81 -5.15
CA LEU C 43 10.20 11.53 -4.59
C LEU C 43 10.25 11.34 -3.08
N CYS C 44 10.51 10.12 -2.65
CA CYS C 44 10.57 9.87 -1.23
C CYS C 44 11.58 10.76 -0.53
N LEU C 45 12.79 10.82 -1.10
CA LEU C 45 13.88 11.62 -0.56
C LEU C 45 13.52 13.09 -0.56
N ALA C 46 13.07 13.57 -1.72
CA ALA C 46 12.70 14.97 -1.92
C ALA C 46 11.71 15.41 -0.84
N HIS C 47 10.79 14.50 -0.55
CA HIS C 47 9.79 14.78 0.43
C HIS C 47 10.37 14.80 1.85
N LEU C 48 11.38 13.98 2.14
CA LEU C 48 11.96 13.97 3.46
C LEU C 48 12.73 15.25 3.69
N LEU C 49 13.50 15.64 2.68
CA LEU C 49 14.31 16.85 2.79
C LEU C 49 13.54 18.14 2.95
N GLY C 50 12.39 18.25 2.28
CA GLY C 50 11.61 19.47 2.42
C GLY C 50 11.41 20.17 1.10
N TYR C 51 11.81 19.48 0.03
CA TYR C 51 11.70 20.02 -1.30
C TYR C 51 10.29 20.47 -1.64
N LYS C 52 10.19 21.59 -2.34
CA LYS C 52 8.90 22.12 -2.80
C LYS C 52 8.87 21.96 -4.32
N LYS C 53 9.96 22.32 -5.01
CA LYS C 53 10.05 22.10 -6.45
C LYS C 53 11.38 21.43 -6.67
N LEU C 54 11.41 20.45 -7.57
CA LEU C 54 12.65 19.73 -7.81
C LEU C 54 13.92 20.57 -8.03
N GLU C 55 13.90 21.55 -8.93
CA GLU C 55 15.11 22.35 -9.17
C GLU C 55 15.38 23.48 -8.19
N GLU C 56 14.53 23.65 -7.20
CA GLU C 56 14.79 24.73 -6.28
C GLU C 56 15.88 24.23 -5.32
N PRO C 57 16.88 25.08 -5.06
CA PRO C 57 18.04 24.86 -4.19
C PRO C 57 17.68 24.28 -2.83
N LEU C 58 18.58 23.44 -2.31
CA LEU C 58 18.37 22.86 -1.00
C LEU C 58 19.32 23.62 -0.11
N LYS C 59 18.74 24.25 0.89
CA LYS C 59 19.53 25.05 1.80
C LYS C 59 20.36 24.18 2.70
N ARG C 60 21.53 24.69 3.07
CA ARG C 60 22.45 23.97 3.92
C ARG C 60 21.79 23.64 5.27
N GLU C 61 20.99 24.57 5.78
CA GLU C 61 20.37 24.38 7.08
C GLU C 61 19.29 23.29 7.11
N ASP C 62 18.78 22.94 5.93
CA ASP C 62 17.72 21.93 5.77
C ASP C 62 18.30 20.56 5.50
N PHE C 63 19.46 20.54 4.87
CA PHE C 63 20.11 19.29 4.58
C PHE C 63 20.56 18.66 5.90
N LEU C 64 21.32 19.43 6.70
CA LEU C 64 21.83 18.97 7.98
C LEU C 64 20.77 18.56 8.99
N SER C 65 19.94 19.52 9.40
CA SER C 65 18.88 19.25 10.37
C SER C 65 18.06 18.01 9.98
N THR C 66 17.81 17.86 8.68
CA THR C 66 17.05 16.72 8.18
C THR C 66 17.70 15.38 8.53
N TRP C 67 18.95 15.22 8.09
CA TRP C 67 19.69 13.98 8.32
C TRP C 67 20.05 13.75 9.77
N PHE C 68 20.30 14.81 10.52
CA PHE C 68 20.67 14.68 11.93
C PHE C 68 19.45 14.23 12.71
N MET C 69 18.27 14.59 12.20
CA MET C 69 17.03 14.21 12.84
C MET C 69 16.73 12.76 12.50
N GLN C 70 17.32 12.27 11.40
CA GLN C 70 17.10 10.91 10.94
C GLN C 70 18.13 9.94 11.50
N GLY C 71 19.19 10.48 12.07
CA GLY C 71 20.21 9.59 12.62
C GLY C 71 21.41 9.40 11.72
N CYS C 72 21.29 9.82 10.46
CA CYS C 72 22.36 9.71 9.46
C CYS C 72 23.39 10.83 9.46
N SER C 73 24.64 10.47 9.19
CA SER C 73 25.73 11.43 9.11
C SER C 73 26.76 11.00 8.07
N THR C 74 26.55 9.84 7.43
CA THR C 74 27.45 9.35 6.39
C THR C 74 26.71 8.98 5.12
N ILE C 75 27.41 9.01 3.98
CA ILE C 75 26.76 8.69 2.72
C ILE C 75 26.12 7.32 2.72
N SER C 76 26.68 6.39 3.46
CA SER C 76 26.13 5.04 3.50
C SER C 76 24.85 4.98 4.30
N ASP C 77 24.77 5.82 5.33
CA ASP C 77 23.59 5.89 6.20
C ASP C 77 22.41 6.44 5.42
N MET C 78 22.70 7.42 4.58
CA MET C 78 21.65 8.02 3.80
C MET C 78 21.14 6.97 2.81
N GLN C 79 22.05 6.26 2.16
CA GLN C 79 21.65 5.24 1.21
C GLN C 79 20.71 4.24 1.90
N GLU C 80 20.86 4.09 3.20
CA GLU C 80 20.02 3.18 3.94
C GLU C 80 18.65 3.79 4.10
N CYS C 81 18.63 5.03 4.54
CA CYS C 81 17.40 5.78 4.74
C CYS C 81 16.52 5.74 3.50
N ILE C 82 17.10 6.01 2.32
CA ILE C 82 16.33 5.97 1.09
C ILE C 82 15.74 4.59 0.91
N LYS C 83 16.58 3.56 0.87
CA LYS C 83 16.08 2.19 0.71
C LYS C 83 14.90 1.95 1.65
N THR C 84 15.07 2.32 2.92
CA THR C 84 14.00 2.15 3.87
C THR C 84 12.71 2.77 3.32
N LEU C 85 12.79 4.04 2.94
CA LEU C 85 11.64 4.75 2.42
C LEU C 85 11.14 4.12 1.12
N ASP C 86 12.05 3.55 0.34
CA ASP C 86 11.67 2.95 -0.92
C ASP C 86 10.81 1.77 -0.57
N VAL C 87 11.29 1.01 0.41
CA VAL C 87 10.59 -0.19 0.89
C VAL C 87 9.20 0.16 1.39
N LYS C 88 9.15 1.16 2.26
CA LYS C 88 7.90 1.62 2.81
C LYS C 88 6.91 1.92 1.68
N LEU C 89 7.38 2.58 0.63
CA LEU C 89 6.53 2.93 -0.50
C LEU C 89 5.90 1.69 -1.09
N HIS C 90 6.61 0.56 -1.10
CA HIS C 90 6.02 -0.66 -1.66
C HIS C 90 4.95 -1.31 -0.79
N GLU C 91 4.84 -0.91 0.47
CA GLU C 91 3.84 -1.52 1.31
C GLU C 91 2.92 -0.57 2.14
N ASP C 92 3.47 0.46 2.77
CA ASP C 92 2.59 1.36 3.53
C ASP C 92 1.71 2.24 2.62
N LEU C 93 0.39 2.06 2.70
CA LEU C 93 -0.54 2.80 1.86
C LEU C 93 -0.77 4.27 2.27
N GLN C 94 -0.70 4.56 3.56
CA GLN C 94 -0.90 5.95 3.98
C GLN C 94 0.20 6.78 3.31
N TYR C 95 1.44 6.24 3.38
CA TYR C 95 2.66 6.83 2.81
C TYR C 95 2.55 6.91 1.30
N PHE C 96 2.31 5.77 0.66
CA PHE C 96 2.15 5.73 -0.79
C PHE C 96 1.36 6.95 -1.21
N THR C 97 0.19 7.12 -0.59
CA THR C 97 -0.66 8.25 -0.87
C THR C 97 0.09 9.57 -0.71
N GLN C 98 0.72 9.77 0.45
CA GLN C 98 1.48 10.99 0.69
C GLN C 98 2.32 11.37 -0.52
N ILE C 99 3.17 10.43 -0.95
CA ILE C 99 4.07 10.68 -2.08
C ILE C 99 3.26 10.80 -3.36
N TYR C 100 2.17 10.06 -3.47
CA TYR C 100 1.34 10.17 -4.67
C TYR C 100 0.79 11.62 -4.75
N ASN C 101 0.24 12.11 -3.64
CA ASN C 101 -0.29 13.46 -3.57
C ASN C 101 0.85 14.47 -3.68
N TYR C 102 1.96 14.18 -3.01
CA TYR C 102 3.14 15.05 -3.02
C TYR C 102 3.70 15.28 -4.43
N ALA C 103 4.01 14.19 -5.12
CA ALA C 103 4.60 14.27 -6.44
C ALA C 103 3.99 15.30 -7.40
N PHE C 104 2.70 15.60 -7.28
CA PHE C 104 2.07 16.53 -8.21
C PHE C 104 2.77 17.88 -8.25
N ASN C 105 2.93 18.53 -7.11
CA ASN C 105 3.60 19.83 -7.13
C ASN C 105 5.05 19.81 -7.63
N LEU C 106 5.73 18.67 -7.51
CA LEU C 106 7.10 18.57 -7.99
C LEU C 106 7.11 18.62 -9.51
N ILE C 107 6.21 17.90 -10.18
CA ILE C 107 6.17 17.93 -11.64
C ILE C 107 5.59 19.25 -12.12
N LEU C 108 4.74 19.87 -11.29
CA LEU C 108 4.07 21.11 -11.64
C LEU C 108 5.00 22.29 -11.83
N ASP C 109 5.05 22.77 -13.07
CA ASP C 109 5.88 23.91 -13.41
C ASP C 109 5.51 25.02 -12.44
N PRO C 110 6.49 25.73 -11.92
CA PRO C 110 6.08 26.78 -10.98
C PRO C 110 5.21 27.87 -11.60
N ASN C 111 5.19 27.99 -12.92
CA ASN C 111 4.35 29.00 -13.54
C ASN C 111 3.00 28.48 -14.02
N ARG C 112 2.67 27.24 -13.69
CA ARG C 112 1.42 26.64 -14.14
C ARG C 112 0.55 26.09 -13.06
N LYS C 113 -0.59 25.57 -13.48
CA LYS C 113 -1.53 24.98 -12.57
C LYS C 113 -1.80 23.51 -12.87
N ASP C 114 -1.55 23.10 -14.11
CA ASP C 114 -1.78 21.72 -14.52
C ASP C 114 -0.49 21.14 -15.06
N ILE C 115 -0.36 19.82 -14.99
CA ILE C 115 0.83 19.13 -15.49
C ILE C 115 0.49 18.59 -16.87
N ASP C 116 1.51 18.28 -17.67
CA ASP C 116 1.24 17.75 -19.00
C ASP C 116 0.86 16.29 -18.88
N THR C 117 -0.04 15.85 -19.75
CA THR C 117 -0.46 14.47 -19.69
C THR C 117 0.74 13.60 -19.80
N ASP C 118 1.56 13.82 -20.82
CA ASP C 118 2.73 12.99 -20.98
C ASP C 118 3.52 12.78 -19.69
N GLU C 119 3.89 13.85 -19.03
CA GLU C 119 4.67 13.68 -17.81
C GLU C 119 3.89 13.09 -16.65
N GLY C 120 2.57 13.03 -16.76
CA GLY C 120 1.80 12.44 -15.68
C GLY C 120 1.71 10.95 -15.91
N ILE C 121 1.53 10.57 -17.17
CA ILE C 121 1.46 9.17 -17.56
C ILE C 121 2.78 8.55 -17.18
N GLN C 122 3.87 9.31 -17.36
CA GLN C 122 5.21 8.82 -17.05
C GLN C 122 5.33 8.33 -15.61
N TYR C 123 4.81 9.08 -14.66
CA TYR C 123 4.86 8.66 -13.27
C TYR C 123 3.74 7.67 -13.01
N TRP C 124 2.66 7.78 -13.75
CA TRP C 124 1.58 6.84 -13.52
C TRP C 124 2.03 5.39 -13.77
N LYS C 125 2.91 5.20 -14.74
CA LYS C 125 3.46 3.88 -15.07
C LYS C 125 4.23 3.29 -13.91
N LEU C 126 4.84 4.16 -13.12
CA LEU C 126 5.62 3.71 -12.01
C LEU C 126 4.80 3.48 -10.75
N PHE C 127 3.88 4.40 -10.44
CA PHE C 127 3.07 4.27 -9.23
C PHE C 127 2.12 3.07 -9.23
N PHE C 128 1.45 2.83 -10.34
CA PHE C 128 0.50 1.72 -10.38
C PHE C 128 0.99 0.46 -11.06
N GLN C 129 2.20 0.04 -10.70
CA GLN C 129 2.74 -1.20 -11.23
C GLN C 129 2.28 -2.23 -10.18
N PRO C 130 1.92 -3.45 -10.61
CA PRO C 130 1.45 -4.51 -9.71
C PRO C 130 2.20 -4.77 -8.38
N GLU C 131 3.49 -4.45 -8.34
CA GLU C 131 4.29 -4.66 -7.13
C GLU C 131 3.94 -3.71 -5.98
N TYR C 132 3.22 -2.63 -6.30
CA TYR C 132 2.87 -1.66 -5.29
C TYR C 132 1.52 -1.90 -4.64
N PRO C 133 1.18 -1.10 -3.60
CA PRO C 133 -0.06 -1.12 -2.81
C PRO C 133 -1.37 -1.19 -3.56
N VAL C 134 -1.47 -0.47 -4.67
CA VAL C 134 -2.72 -0.48 -5.40
C VAL C 134 -2.92 -1.68 -6.29
N ARG C 135 -3.68 -2.63 -5.78
CA ARG C 135 -3.99 -3.85 -6.54
C ARG C 135 -4.82 -3.47 -7.78
N MET C 136 -4.26 -3.65 -8.97
CA MET C 136 -5.01 -3.33 -10.17
C MET C 136 -4.52 -4.02 -11.44
N GLU C 137 -5.38 -4.01 -12.45
CA GLU C 137 -5.11 -4.68 -13.73
C GLU C 137 -4.49 -3.83 -14.84
N PRO C 138 -3.28 -4.22 -15.31
CA PRO C 138 -2.52 -3.55 -16.37
C PRO C 138 -3.36 -3.11 -17.58
N ASP C 139 -4.40 -3.85 -17.89
CA ASP C 139 -5.29 -3.52 -19.02
C ASP C 139 -6.06 -2.26 -18.69
N LEU C 140 -6.54 -2.16 -17.45
CA LEU C 140 -7.29 -0.99 -17.01
C LEU C 140 -6.42 0.24 -17.19
N LEU C 141 -5.19 0.15 -16.71
CA LEU C 141 -4.27 1.27 -16.84
C LEU C 141 -3.90 1.55 -18.28
N GLU C 142 -4.16 0.63 -19.19
CA GLU C 142 -3.84 0.88 -20.59
C GLU C 142 -4.92 1.75 -21.17
N ALA C 143 -6.16 1.42 -20.84
CA ALA C 143 -7.31 2.18 -21.31
C ALA C 143 -7.15 3.64 -20.93
N TRP C 144 -6.81 3.87 -19.67
CA TRP C 144 -6.61 5.22 -19.16
C TRP C 144 -5.67 6.01 -20.05
N PHE C 145 -4.45 5.51 -20.25
CA PHE C 145 -3.49 6.22 -21.09
C PHE C 145 -3.97 6.31 -22.53
N ARG C 146 -4.69 5.30 -23.02
CA ARG C 146 -5.15 5.36 -24.40
C ARG C 146 -6.29 6.38 -24.46
N PHE C 147 -7.08 6.41 -23.40
CA PHE C 147 -8.20 7.33 -23.29
C PHE C 147 -7.63 8.76 -23.42
N LEU C 148 -6.84 9.17 -22.42
CA LEU C 148 -6.26 10.52 -22.39
C LEU C 148 -5.68 10.94 -23.74
N ARG C 149 -5.16 9.99 -24.49
CA ARG C 149 -4.55 10.30 -25.78
C ARG C 149 -5.49 10.32 -26.97
N ASP C 150 -6.55 9.52 -26.93
CA ASP C 150 -7.44 9.53 -28.07
C ASP C 150 -8.44 10.68 -28.01
N GLU C 151 -8.70 11.18 -26.81
CA GLU C 151 -9.63 12.29 -26.64
C GLU C 151 -8.82 13.60 -26.53
N GLY C 152 -7.54 13.50 -26.87
CA GLY C 152 -6.65 14.65 -26.85
C GLY C 152 -6.70 15.54 -25.63
N LYS C 153 -6.84 14.94 -24.45
CA LYS C 153 -6.87 15.67 -23.17
C LYS C 153 -5.36 15.85 -22.89
N THR C 154 -4.82 17.05 -23.05
CA THR C 154 -3.38 17.23 -22.88
C THR C 154 -2.77 17.73 -21.57
N THR C 155 -3.59 17.86 -20.54
CA THR C 155 -3.02 18.31 -19.27
C THR C 155 -3.84 17.64 -18.20
N ILE C 156 -3.24 17.45 -17.03
CA ILE C 156 -3.95 16.81 -15.94
C ILE C 156 -3.91 17.75 -14.76
N SER C 157 -4.99 17.86 -14.02
CA SER C 157 -5.05 18.77 -12.90
C SER C 157 -4.94 18.07 -11.56
N LYS C 158 -4.69 18.85 -10.50
CA LYS C 158 -4.54 18.32 -9.15
C LYS C 158 -5.74 17.52 -8.68
N ASP C 159 -6.94 17.99 -8.98
CA ASP C 159 -8.13 17.27 -8.57
C ASP C 159 -8.18 15.90 -9.24
N THR C 160 -8.02 15.94 -10.56
CA THR C 160 -8.02 14.74 -11.39
C THR C 160 -6.94 13.74 -10.94
N TRP C 161 -5.76 14.28 -10.68
CA TRP C 161 -4.60 13.52 -10.24
C TRP C 161 -4.91 12.87 -8.90
N ARG C 162 -5.28 13.63 -7.89
CA ARG C 162 -5.52 13.01 -6.60
C ARG C 162 -6.63 12.00 -6.64
N MET C 163 -7.74 12.33 -7.32
CA MET C 163 -8.88 11.42 -7.38
C MET C 163 -8.66 10.20 -8.26
N LEU C 164 -7.55 10.13 -8.99
CA LEU C 164 -7.35 8.95 -9.82
C LEU C 164 -6.80 7.80 -8.96
N LEU C 165 -6.43 8.15 -7.74
CA LEU C 165 -5.92 7.16 -6.83
C LEU C 165 -7.18 6.58 -6.22
N LEU C 166 -7.97 7.41 -5.53
CA LEU C 166 -9.22 6.95 -4.91
C LEU C 166 -10.05 6.06 -5.81
N PHE C 167 -9.99 6.33 -7.10
CA PHE C 167 -10.72 5.59 -8.12
C PHE C 167 -10.14 4.18 -8.25
N PHE C 168 -8.85 4.10 -8.57
CA PHE C 168 -8.17 2.82 -8.71
C PHE C 168 -8.19 2.00 -7.41
N LYS C 169 -8.10 2.69 -6.27
CA LYS C 169 -8.14 2.02 -5.00
C LYS C 169 -9.52 1.39 -4.85
N ARG C 170 -10.49 1.82 -5.64
CA ARG C 170 -11.82 1.23 -5.51
C ARG C 170 -12.19 0.33 -6.68
N TYR C 171 -11.71 0.66 -7.88
CA TYR C 171 -12.03 -0.10 -9.10
C TYR C 171 -10.79 -0.71 -9.72
N PRO C 172 -10.46 -1.98 -9.40
CA PRO C 172 -9.28 -2.70 -9.92
C PRO C 172 -9.24 -3.09 -11.38
N THR C 173 -10.30 -3.72 -11.86
CA THR C 173 -10.30 -4.12 -13.26
C THR C 173 -11.45 -3.49 -14.03
N ILE C 174 -11.31 -3.44 -15.35
CA ILE C 174 -12.33 -2.87 -16.22
C ILE C 174 -13.72 -3.42 -15.87
N GLN C 175 -13.77 -4.74 -15.70
CA GLN C 175 -15.00 -5.44 -15.38
C GLN C 175 -15.80 -4.74 -14.29
N LYS C 176 -15.25 -4.70 -13.09
CA LYS C 176 -15.91 -4.11 -11.92
C LYS C 176 -16.33 -2.63 -11.99
N ILE C 177 -16.12 -1.98 -13.12
CA ILE C 177 -16.48 -0.57 -13.32
C ILE C 177 -17.74 -0.55 -14.17
N ILE C 178 -17.64 -1.23 -15.31
CA ILE C 178 -18.73 -1.34 -16.28
C ILE C 178 -20.10 -1.55 -15.61
N SER C 179 -20.10 -2.30 -14.51
CA SER C 179 -21.35 -2.60 -13.78
C SER C 179 -21.49 -2.00 -12.38
N ASP C 180 -20.43 -1.39 -11.87
CA ASP C 180 -20.49 -0.79 -10.55
C ASP C 180 -20.12 0.67 -10.49
N TYR C 181 -19.99 1.32 -11.64
CA TYR C 181 -19.59 2.71 -11.65
C TYR C 181 -20.74 3.67 -11.81
N ASP C 182 -20.99 4.43 -10.75
CA ASP C 182 -22.06 5.44 -10.76
C ASP C 182 -21.60 6.67 -11.57
N GLU C 183 -22.49 7.27 -12.33
CA GLU C 183 -22.14 8.42 -13.14
C GLU C 183 -22.64 9.72 -12.52
N THR C 184 -23.02 9.68 -11.26
CA THR C 184 -23.53 10.86 -10.61
C THR C 184 -22.82 11.09 -9.28
N ALA C 185 -21.94 10.16 -8.92
CA ALA C 185 -21.19 10.25 -7.68
C ALA C 185 -20.15 11.36 -7.83
N ALA C 186 -19.31 11.51 -6.81
CA ALA C 186 -18.29 12.54 -6.77
C ALA C 186 -17.10 12.41 -7.72
N TRP C 187 -17.20 11.54 -8.71
CA TRP C 187 -16.07 11.41 -9.62
C TRP C 187 -15.93 12.58 -10.56
N PRO C 188 -14.70 13.04 -10.77
CA PRO C 188 -14.43 14.18 -11.67
C PRO C 188 -14.91 13.83 -13.08
N PHE C 189 -15.64 14.75 -13.70
CA PHE C 189 -16.17 14.50 -15.02
C PHE C 189 -15.25 13.81 -16.00
N ILE C 190 -13.94 14.03 -15.87
CA ILE C 190 -12.95 13.43 -16.79
C ILE C 190 -12.96 11.93 -16.64
N ILE C 191 -13.23 11.47 -15.41
CA ILE C 191 -13.32 10.05 -15.12
C ILE C 191 -14.70 9.52 -15.53
N ASP C 192 -15.72 10.36 -15.39
CA ASP C 192 -17.08 9.99 -15.77
C ASP C 192 -17.03 9.74 -17.25
N GLU C 193 -16.26 10.59 -17.92
CA GLU C 193 -16.09 10.52 -19.35
C GLU C 193 -15.26 9.31 -19.75
N PHE C 194 -14.62 8.68 -18.77
CA PHE C 194 -13.80 7.49 -19.01
C PHE C 194 -14.71 6.29 -19.09
N TYR C 195 -15.65 6.18 -18.15
CA TYR C 195 -16.60 5.07 -18.14
C TYR C 195 -17.36 5.00 -19.46
N GLU C 196 -17.64 6.17 -20.04
CA GLU C 196 -18.35 6.23 -21.30
C GLU C 196 -17.44 5.78 -22.44
N CYS C 197 -16.14 5.82 -22.21
CA CYS C 197 -15.18 5.42 -23.22
C CYS C 197 -15.09 3.87 -23.29
N LEU C 198 -15.39 3.23 -22.16
CA LEU C 198 -15.35 1.78 -22.10
C LEU C 198 -16.63 1.24 -22.73
N GLN C 199 -16.61 1.18 -24.06
CA GLN C 199 -17.75 0.69 -24.84
C GLN C 199 -17.22 0.19 -26.17
N GLU D 7 -22.96 28.65 -22.41
CA GLU D 7 -23.92 29.77 -22.11
C GLU D 7 -24.83 29.43 -20.94
N ARG D 8 -25.31 28.19 -20.87
CA ARG D 8 -26.15 27.83 -19.73
C ARG D 8 -25.26 27.51 -18.53
N GLN D 9 -24.03 27.08 -18.81
CA GLN D 9 -23.07 26.72 -17.77
C GLN D 9 -22.98 27.79 -16.69
N ILE D 10 -22.60 28.98 -17.12
CA ILE D 10 -22.43 30.13 -16.25
C ILE D 10 -23.55 30.30 -15.25
N PHE D 11 -24.72 29.74 -15.55
CA PHE D 11 -25.82 29.86 -14.62
C PHE D 11 -25.58 28.97 -13.41
N LEU D 12 -25.11 27.75 -13.63
CA LEU D 12 -24.86 26.86 -12.51
C LEU D 12 -23.55 27.19 -11.80
N GLU D 13 -22.54 27.64 -12.56
CA GLU D 13 -21.29 28.00 -11.91
C GLU D 13 -21.67 29.06 -10.90
N ALA D 14 -22.43 30.05 -11.36
CA ALA D 14 -22.87 31.14 -10.49
C ALA D 14 -23.76 30.62 -9.37
N CYS D 15 -24.50 29.54 -9.64
CA CYS D 15 -25.40 28.95 -8.65
C CYS D 15 -24.69 28.26 -7.50
N ILE D 16 -23.79 27.35 -7.83
CA ILE D 16 -23.05 26.63 -6.82
C ILE D 16 -22.44 27.60 -5.83
N VAL D 17 -21.81 28.66 -6.33
CA VAL D 17 -21.21 29.62 -5.42
C VAL D 17 -22.23 30.19 -4.44
N ARG D 18 -23.38 30.66 -4.93
CA ARG D 18 -24.36 31.21 -4.00
C ARG D 18 -24.75 30.20 -2.92
N ILE D 19 -24.84 28.93 -3.28
CA ILE D 19 -25.19 27.90 -2.32
C ILE D 19 -24.03 27.64 -1.37
N MET D 20 -22.81 27.62 -1.92
CA MET D 20 -21.63 27.36 -1.11
C MET D 20 -21.23 28.58 -0.30
N LYS D 21 -21.29 29.74 -0.92
CA LYS D 21 -20.95 30.98 -0.26
C LYS D 21 -21.76 31.00 1.04
N ALA D 22 -23.02 30.55 0.95
CA ALA D 22 -23.90 30.55 2.11
C ALA D 22 -23.75 29.34 3.03
N LYS D 23 -23.99 28.15 2.51
CA LYS D 23 -23.90 26.92 3.31
C LYS D 23 -22.48 26.56 3.76
N ARG D 24 -21.54 27.46 3.52
CA ARG D 24 -20.15 27.26 3.89
C ARG D 24 -19.65 25.90 3.44
N ASN D 25 -20.30 25.32 2.44
CA ASN D 25 -19.94 24.00 1.89
C ASN D 25 -21.02 22.96 2.13
N LEU D 26 -20.87 21.79 1.52
CA LEU D 26 -21.84 20.73 1.66
C LEU D 26 -21.32 19.45 1.01
N PRO D 27 -21.72 18.29 1.54
CA PRO D 27 -21.29 16.99 1.00
C PRO D 27 -21.70 17.00 -0.47
N HIS D 28 -21.02 16.21 -1.29
CA HIS D 28 -21.32 16.20 -2.73
C HIS D 28 -22.76 16.01 -3.16
N THR D 29 -23.34 14.89 -2.77
CA THR D 29 -24.68 14.56 -3.20
C THR D 29 -25.77 15.55 -2.75
N THR D 30 -25.59 16.16 -1.59
CA THR D 30 -26.57 17.14 -1.13
C THR D 30 -26.53 18.29 -2.14
N LEU D 31 -25.32 18.82 -2.35
CA LEU D 31 -25.07 19.95 -3.25
C LEU D 31 -25.49 19.85 -4.70
N VAL D 32 -25.40 18.67 -5.30
CA VAL D 32 -25.81 18.54 -6.68
C VAL D 32 -27.33 18.51 -6.79
N ASN D 33 -27.98 17.93 -5.79
CA ASN D 33 -29.44 17.83 -5.76
C ASN D 33 -30.12 19.17 -5.44
N GLU D 34 -29.69 19.83 -4.35
CA GLU D 34 -30.25 21.12 -3.97
C GLU D 34 -29.80 22.19 -4.97
N CYS D 35 -28.94 21.80 -5.91
CA CYS D 35 -28.49 22.70 -6.95
C CYS D 35 -29.47 22.42 -8.06
N ILE D 36 -29.82 21.15 -8.21
CA ILE D 36 -30.76 20.77 -9.22
C ILE D 36 -32.13 21.29 -8.79
N ALA D 37 -32.37 21.34 -7.49
CA ALA D 37 -33.65 21.85 -6.97
C ALA D 37 -33.81 23.39 -7.08
N GLN D 38 -32.84 24.06 -7.70
CA GLN D 38 -32.89 25.52 -7.88
C GLN D 38 -32.82 25.78 -9.37
N SER D 39 -32.71 24.68 -10.10
CA SER D 39 -32.63 24.70 -11.53
C SER D 39 -34.02 24.75 -11.99
N HIS D 40 -35.00 24.49 -11.17
CA HIS D 40 -36.36 24.65 -11.72
C HIS D 40 -36.45 25.67 -12.90
N PHE D 43 -36.30 25.16 -16.50
CA PHE D 43 -36.01 23.94 -17.27
C PHE D 43 -35.29 22.89 -16.39
N ASN D 44 -34.81 21.82 -17.02
CA ASN D 44 -34.13 20.75 -16.30
C ASN D 44 -32.68 20.67 -16.67
N ALA D 45 -31.83 20.69 -15.65
CA ALA D 45 -30.39 20.61 -15.85
C ALA D 45 -29.89 19.19 -15.53
N LYS D 46 -29.29 18.55 -16.53
CA LYS D 46 -28.77 17.18 -16.37
C LYS D 46 -27.66 17.15 -15.32
N VAL D 47 -27.49 16.02 -14.63
CA VAL D 47 -26.45 15.91 -13.61
C VAL D 47 -25.05 15.84 -14.23
N SER D 48 -25.03 15.71 -15.55
CA SER D 48 -23.79 15.64 -16.30
C SER D 48 -23.05 16.96 -16.19
N MET D 49 -23.76 18.04 -16.53
CA MET D 49 -23.17 19.39 -16.52
C MET D 49 -23.05 20.07 -15.17
N VAL D 50 -23.76 19.61 -14.15
CA VAL D 50 -23.64 20.23 -12.84
C VAL D 50 -22.29 19.79 -12.29
N LYS D 51 -21.81 18.64 -12.73
CA LYS D 51 -20.51 18.15 -12.27
C LYS D 51 -19.41 18.94 -12.99
N ARG D 52 -19.71 19.34 -14.22
CA ARG D 52 -18.79 20.08 -15.07
C ARG D 52 -18.54 21.47 -14.51
N ALA D 53 -19.51 21.96 -13.75
CA ALA D 53 -19.41 23.28 -13.14
C ALA D 53 -18.57 23.18 -11.87
N ILE D 54 -18.73 22.09 -11.13
CA ILE D 54 -17.95 21.92 -9.92
C ILE D 54 -16.50 21.88 -10.36
N ASP D 55 -16.22 21.18 -11.46
CA ASP D 55 -14.87 21.10 -11.97
C ASP D 55 -14.33 22.49 -12.27
N SER D 56 -15.15 23.29 -12.95
CA SER D 56 -14.81 24.65 -13.34
C SER D 56 -14.51 25.54 -12.13
N LEU D 57 -15.34 25.46 -11.11
CA LEU D 57 -15.13 26.23 -9.89
C LEU D 57 -13.96 25.63 -9.11
N ILE D 58 -13.70 24.33 -9.32
CA ILE D 58 -12.59 23.66 -8.66
C ILE D 58 -11.32 24.24 -9.25
N GLN D 59 -11.35 24.47 -10.55
CA GLN D 59 -10.22 25.00 -11.29
C GLN D 59 -9.99 26.47 -11.05
N LYS D 60 -11.08 27.24 -10.92
CA LYS D 60 -10.94 28.67 -10.74
C LYS D 60 -10.46 29.05 -9.37
N GLY D 61 -10.70 28.19 -8.39
CA GLY D 61 -10.27 28.50 -7.04
C GLY D 61 -11.37 28.70 -6.01
N TYR D 62 -12.61 28.40 -6.41
CA TYR D 62 -13.76 28.55 -5.52
C TYR D 62 -13.98 27.45 -4.52
N LEU D 63 -13.94 26.20 -4.97
CA LEU D 63 -14.17 25.09 -4.06
C LEU D 63 -12.93 24.31 -3.75
N GLN D 64 -12.99 23.49 -2.70
CA GLN D 64 -11.88 22.64 -2.26
C GLN D 64 -12.50 21.29 -1.88
N ARG D 65 -12.26 20.27 -2.69
CA ARG D 65 -12.81 18.97 -2.42
C ARG D 65 -12.22 18.45 -1.13
N GLY D 66 -13.06 17.82 -0.30
CA GLY D 66 -12.63 17.28 0.99
C GLY D 66 -11.83 16.00 0.95
N ASP D 67 -11.39 15.55 2.13
CA ASP D 67 -10.56 14.36 2.28
C ASP D 67 -11.23 13.05 1.83
N ASP D 68 -12.52 12.93 2.12
CA ASP D 68 -13.28 11.75 1.75
C ASP D 68 -13.41 11.69 0.24
N GLY D 69 -13.23 12.81 -0.43
CA GLY D 69 -13.35 12.84 -1.87
C GLY D 69 -14.80 12.94 -2.32
N GLU D 70 -15.72 13.03 -1.36
CA GLU D 70 -17.13 13.13 -1.67
C GLU D 70 -17.83 14.32 -1.02
N SER D 71 -17.13 15.44 -0.87
CA SER D 71 -17.71 16.65 -0.28
C SER D 71 -16.96 17.88 -0.80
N TYR D 72 -17.41 19.08 -0.45
CA TYR D 72 -16.75 20.30 -0.90
C TYR D 72 -16.76 21.36 0.18
N ALA D 73 -15.90 22.37 0.04
CA ALA D 73 -15.82 23.46 1.01
C ALA D 73 -15.57 24.76 0.26
N TYR D 74 -16.40 25.76 0.46
CA TYR D 74 -16.20 27.04 -0.24
C TYR D 74 -15.01 27.72 0.39
N LEU D 75 -14.01 28.06 -0.42
CA LEU D 75 -12.81 28.66 0.16
C LEU D 75 -12.49 30.12 -0.15
N ALA D 76 -11.69 30.68 0.77
CA ALA D 76 -11.15 32.04 0.72
C ALA D 76 -11.89 33.07 -0.13
N TYR E 4 17.46 -50.10 17.36
CA TYR E 4 17.24 -49.92 15.85
C TYR E 4 18.56 -50.04 15.12
N PRO E 5 18.58 -49.82 13.81
CA PRO E 5 19.80 -49.93 13.00
C PRO E 5 20.85 -48.96 13.48
N LYS E 6 21.49 -48.30 12.52
CA LYS E 6 22.56 -47.34 12.84
C LYS E 6 22.47 -46.05 12.04
N GLU E 7 22.68 -46.14 10.73
CA GLU E 7 22.58 -44.95 9.89
C GLU E 7 21.31 -44.25 10.29
N LEU E 8 20.23 -45.04 10.24
CA LEU E 8 18.90 -44.56 10.59
C LEU E 8 18.92 -43.59 11.75
N THR E 9 19.49 -44.02 12.87
CA THR E 9 19.62 -43.19 14.05
C THR E 9 20.42 -41.94 13.71
N GLN E 10 21.63 -42.16 13.18
CA GLN E 10 22.55 -41.08 12.82
C GLN E 10 21.86 -39.99 12.01
N VAL E 11 21.01 -40.38 11.05
CA VAL E 11 20.28 -39.41 10.27
C VAL E 11 19.43 -38.53 11.18
N PHE E 12 18.69 -39.16 12.09
CA PHE E 12 17.85 -38.42 13.03
C PHE E 12 18.70 -37.50 13.88
N GLU E 13 19.78 -38.06 14.42
CA GLU E 13 20.70 -37.34 15.30
C GLU E 13 21.37 -36.11 14.68
N HIS E 14 21.59 -36.15 13.37
CA HIS E 14 22.23 -35.03 12.68
C HIS E 14 21.28 -33.85 12.50
N TYR E 15 20.09 -34.09 11.93
CA TYR E 15 19.11 -33.01 11.71
C TYR E 15 18.31 -32.66 12.94
N ILE E 16 18.36 -33.49 13.99
CA ILE E 16 17.60 -33.17 15.18
C ILE E 16 18.16 -31.80 15.58
N ASN E 17 17.28 -30.93 16.03
CA ASN E 17 17.64 -29.56 16.31
C ASN E 17 17.37 -29.01 17.71
N ASN E 18 18.21 -29.40 18.66
CA ASN E 18 18.07 -28.95 20.04
C ASN E 18 17.10 -29.84 20.83
N ASN E 19 17.11 -31.13 20.48
CA ASN E 19 16.28 -32.16 21.12
C ASN E 19 14.94 -32.44 20.49
N LEU E 20 14.47 -31.51 19.69
CA LEU E 20 13.21 -31.71 19.08
C LEU E 20 13.44 -31.73 17.60
N PHE E 21 12.79 -32.66 16.93
CA PHE E 21 12.97 -32.70 15.52
C PHE E 21 12.00 -31.62 15.06
N ASP E 22 12.33 -30.36 15.31
CA ASP E 22 11.45 -29.26 14.94
C ASP E 22 11.42 -28.93 13.47
N ILE E 23 10.63 -27.91 13.14
CA ILE E 23 10.46 -27.47 11.76
C ILE E 23 11.81 -27.19 11.09
N ASP E 24 12.79 -26.76 11.88
CA ASP E 24 14.12 -26.46 11.36
C ASP E 24 14.69 -27.76 10.80
N SER E 25 14.67 -28.80 11.63
CA SER E 25 15.17 -30.11 11.27
C SER E 25 14.47 -30.63 10.01
N LEU E 26 13.19 -30.31 9.89
CA LEU E 26 12.41 -30.76 8.75
C LEU E 26 12.90 -30.18 7.43
N VAL E 27 13.13 -28.87 7.39
CA VAL E 27 13.59 -28.24 6.16
C VAL E 27 14.96 -28.78 5.77
N LYS E 28 15.83 -28.96 6.76
CA LYS E 28 17.17 -29.49 6.52
C LYS E 28 17.03 -30.92 5.97
N PHE E 29 16.26 -31.73 6.68
CA PHE E 29 16.03 -33.13 6.33
C PHE E 29 15.54 -33.30 4.89
N ILE E 30 14.61 -32.46 4.44
CA ILE E 30 14.11 -32.58 3.08
C ILE E 30 15.05 -31.86 2.11
N GLU E 31 15.90 -30.99 2.66
CA GLU E 31 16.88 -30.27 1.86
C GLU E 31 17.71 -31.39 1.18
N GLU E 32 18.49 -32.14 1.96
CA GLU E 32 19.32 -33.19 1.37
C GLU E 32 18.51 -34.37 0.85
N LEU E 33 17.22 -34.42 1.15
CA LEU E 33 16.41 -35.49 0.61
C LEU E 33 16.28 -34.99 -0.80
N GLY E 34 16.11 -33.68 -0.90
CA GLY E 34 15.97 -33.05 -2.20
C GLY E 34 14.65 -32.33 -2.39
N TYR E 35 14.19 -31.62 -1.36
CA TYR E 35 12.93 -30.89 -1.49
C TYR E 35 12.90 -29.62 -0.68
N ASN E 36 12.33 -28.60 -1.28
CA ASN E 36 12.17 -27.34 -0.59
C ASN E 36 10.83 -27.56 0.11
N LEU E 37 10.74 -27.13 1.36
CA LEU E 37 9.53 -27.34 2.19
C LEU E 37 8.11 -27.21 1.66
N GLU E 38 7.90 -26.44 0.60
CA GLU E 38 6.53 -26.25 0.14
C GLU E 38 6.04 -27.01 -1.09
N ASP E 39 6.58 -28.19 -1.35
CA ASP E 39 6.17 -28.99 -2.51
C ASP E 39 5.22 -30.15 -2.17
N LEU E 40 4.41 -30.55 -3.14
CA LEU E 40 3.45 -31.65 -2.94
C LEU E 40 4.16 -32.86 -2.38
N ALA E 41 5.46 -32.94 -2.64
CA ALA E 41 6.29 -34.04 -2.17
C ALA E 41 6.40 -34.03 -0.64
N THR E 42 6.63 -32.85 -0.07
CA THR E 42 6.74 -32.73 1.39
C THR E 42 5.46 -33.18 2.08
N LEU E 43 4.32 -32.85 1.50
CA LEU E 43 3.06 -33.28 2.09
C LEU E 43 3.08 -34.81 2.15
N CYS E 44 3.53 -35.44 1.09
CA CYS E 44 3.60 -36.90 1.05
C CYS E 44 4.53 -37.48 2.11
N LEU E 45 5.58 -36.74 2.43
CA LEU E 45 6.49 -37.18 3.47
C LEU E 45 5.78 -36.94 4.83
N ALA E 46 5.10 -35.80 4.96
CA ALA E 46 4.38 -35.45 6.18
C ALA E 46 3.29 -36.46 6.51
N HIS E 47 2.60 -36.93 5.47
CA HIS E 47 1.54 -37.92 5.60
C HIS E 47 2.17 -39.23 6.02
N LEU E 48 3.29 -39.58 5.40
CA LEU E 48 3.97 -40.81 5.71
C LEU E 48 4.48 -40.84 7.14
N LEU E 49 4.95 -39.70 7.63
CA LEU E 49 5.49 -39.65 8.99
C LEU E 49 4.45 -39.43 10.10
N GLY E 50 3.21 -39.21 9.72
CA GLY E 50 2.16 -39.07 10.71
C GLY E 50 2.00 -37.71 11.32
N TYR E 51 2.42 -36.69 10.60
CA TYR E 51 2.29 -35.35 11.14
C TYR E 51 0.80 -35.00 11.29
N LYS E 52 0.52 -34.10 12.22
CA LYS E 52 -0.83 -33.61 12.43
C LYS E 52 -0.74 -32.17 11.95
N LYS E 53 0.30 -31.48 12.41
CA LYS E 53 0.57 -30.09 12.09
C LYS E 53 1.98 -29.95 11.52
N LEU E 54 2.17 -29.01 10.60
CA LEU E 54 3.45 -28.86 9.92
C LEU E 54 4.49 -28.36 10.85
N GLU E 55 4.09 -27.75 11.95
CA GLU E 55 5.09 -27.28 12.87
C GLU E 55 4.91 -27.79 14.27
N GLU E 56 5.15 -29.07 14.45
CA GLU E 56 5.08 -29.63 15.78
C GLU E 56 6.09 -30.73 15.74
N PRO E 57 6.92 -30.83 16.79
CA PRO E 57 7.98 -31.82 16.98
C PRO E 57 7.61 -33.21 16.57
N LEU E 58 8.48 -33.84 15.78
CA LEU E 58 8.30 -35.21 15.32
C LEU E 58 8.93 -36.11 16.38
N LYS E 59 8.20 -37.12 16.86
CA LYS E 59 8.76 -38.00 17.88
C LYS E 59 9.92 -38.84 17.35
N ARG E 60 10.98 -38.98 18.15
CA ARG E 60 12.12 -39.76 17.68
C ARG E 60 11.62 -41.08 17.18
N GLU E 61 10.99 -41.83 18.06
CA GLU E 61 10.53 -43.15 17.68
C GLU E 61 9.47 -43.25 16.62
N ASP E 62 8.96 -42.12 16.13
CA ASP E 62 7.98 -42.19 15.06
C ASP E 62 8.75 -42.09 13.75
N PHE E 63 9.84 -41.31 13.77
CA PHE E 63 10.71 -41.15 12.62
C PHE E 63 11.38 -42.51 12.39
N LEU E 64 11.92 -43.08 13.46
CA LEU E 64 12.60 -44.37 13.39
C LEU E 64 11.77 -45.55 12.91
N SER E 65 10.60 -45.78 13.51
CA SER E 65 9.77 -46.93 13.11
C SER E 65 9.08 -46.78 11.74
N THR E 66 8.55 -45.59 11.47
CA THR E 66 7.88 -45.35 10.21
C THR E 66 8.81 -45.67 9.04
N TRP E 67 10.05 -45.20 9.11
CA TRP E 67 11.03 -45.40 8.05
C TRP E 67 11.43 -46.85 7.90
N PHE E 68 11.62 -47.52 9.03
CA PHE E 68 12.00 -48.91 9.03
C PHE E 68 10.81 -49.78 8.62
N MET E 69 9.61 -49.22 8.74
CA MET E 69 8.41 -49.95 8.36
C MET E 69 8.44 -49.98 6.85
N GLN E 70 9.03 -48.94 6.27
CA GLN E 70 9.15 -48.81 4.84
C GLN E 70 10.45 -49.51 4.49
N GLY E 71 11.26 -49.72 5.51
CA GLY E 71 12.53 -50.40 5.37
C GLY E 71 13.65 -49.61 4.72
N CYS E 72 13.85 -48.37 5.14
CA CYS E 72 14.91 -47.57 4.55
C CYS E 72 15.91 -47.17 5.63
N SER E 73 17.09 -47.76 5.59
CA SER E 73 18.10 -47.39 6.56
C SER E 73 18.97 -46.28 5.98
N THR E 74 19.16 -46.34 4.67
CA THR E 74 19.98 -45.38 3.92
C THR E 74 19.27 -44.04 3.70
N ILE E 75 20.03 -43.01 3.32
CA ILE E 75 19.46 -41.69 3.03
C ILE E 75 18.84 -41.79 1.65
N SER E 76 19.42 -42.70 0.86
CA SER E 76 19.00 -42.97 -0.50
C SER E 76 17.74 -43.82 -0.48
N ASP E 77 17.72 -44.77 0.45
CA ASP E 77 16.57 -45.66 0.63
C ASP E 77 15.34 -44.77 0.86
N MET E 78 15.56 -43.68 1.58
CA MET E 78 14.50 -42.72 1.87
C MET E 78 14.08 -42.02 0.59
N GLN E 79 15.07 -41.64 -0.21
CA GLN E 79 14.80 -40.95 -1.47
C GLN E 79 13.99 -41.77 -2.46
N GLU E 80 14.38 -43.02 -2.64
CA GLU E 80 13.68 -43.91 -3.57
C GLU E 80 12.22 -44.03 -3.13
N CYS E 81 12.04 -44.18 -1.81
CA CYS E 81 10.73 -44.32 -1.17
C CYS E 81 9.82 -43.08 -1.32
N ILE E 82 10.40 -41.88 -1.25
CA ILE E 82 9.64 -40.65 -1.40
C ILE E 82 9.16 -40.50 -2.83
N LYS E 83 10.10 -40.65 -3.77
CA LYS E 83 9.81 -40.56 -5.20
C LYS E 83 8.72 -41.54 -5.63
N THR E 84 8.74 -42.74 -5.05
CA THR E 84 7.72 -43.75 -5.37
C THR E 84 6.38 -43.07 -5.12
N LEU E 85 6.35 -42.28 -4.05
CA LEU E 85 5.16 -41.52 -3.65
C LEU E 85 4.99 -40.32 -4.59
N ASP E 86 6.04 -39.55 -4.74
CA ASP E 86 5.92 -38.39 -5.59
C ASP E 86 5.22 -38.81 -6.86
N VAL E 87 5.55 -39.99 -7.37
CA VAL E 87 4.96 -40.50 -8.61
C VAL E 87 3.55 -41.09 -8.45
N LYS E 88 3.33 -41.78 -7.33
CA LYS E 88 2.02 -42.39 -7.06
C LYS E 88 1.01 -41.26 -6.94
N LEU E 89 1.51 -40.04 -6.84
CA LEU E 89 0.69 -38.85 -6.74
C LEU E 89 0.07 -38.56 -8.09
N HIS E 90 0.61 -39.12 -9.15
CA HIS E 90 0.09 -38.84 -10.49
C HIS E 90 -0.82 -39.91 -11.08
N GLU E 91 -0.54 -41.17 -10.78
CA GLU E 91 -1.35 -42.27 -11.31
C GLU E 91 -2.55 -42.62 -10.44
N ASP E 92 -2.52 -42.19 -9.18
CA ASP E 92 -3.61 -42.50 -8.26
C ASP E 92 -4.41 -41.25 -7.89
N LEU E 93 -5.61 -41.12 -8.47
CA LEU E 93 -6.48 -39.99 -8.19
C LEU E 93 -6.92 -40.06 -6.75
N GLN E 94 -7.35 -41.25 -6.36
CA GLN E 94 -7.82 -41.51 -5.00
C GLN E 94 -6.79 -41.15 -3.92
N TYR E 95 -5.52 -41.51 -4.15
CA TYR E 95 -4.42 -41.22 -3.23
C TYR E 95 -4.14 -39.74 -3.27
N PHE E 96 -4.17 -39.21 -4.48
CA PHE E 96 -3.99 -37.81 -4.74
C PHE E 96 -5.03 -37.08 -3.89
N THR E 97 -6.25 -37.63 -3.84
CA THR E 97 -7.31 -37.05 -3.03
C THR E 97 -6.91 -37.09 -1.56
N GLN E 98 -6.29 -38.19 -1.14
CA GLN E 98 -5.88 -38.27 0.23
C GLN E 98 -4.99 -37.10 0.58
N ILE E 99 -3.89 -36.89 -0.14
CA ILE E 99 -2.99 -35.78 0.16
C ILE E 99 -3.68 -34.42 0.05
N TYR E 100 -4.47 -34.22 -1.00
CA TYR E 100 -5.09 -32.95 -1.19
C TYR E 100 -5.76 -32.57 0.14
N ASN E 101 -6.38 -33.51 0.82
CA ASN E 101 -7.06 -33.19 2.07
C ASN E 101 -6.10 -33.06 3.23
N TYR E 102 -5.04 -33.86 3.27
CA TYR E 102 -4.16 -33.84 4.44
C TYR E 102 -3.67 -32.43 4.38
N ALA E 103 -3.51 -31.94 3.13
CA ALA E 103 -2.90 -30.64 3.04
C ALA E 103 -3.50 -29.61 3.97
N PHE E 104 -4.74 -29.21 3.55
CA PHE E 104 -5.33 -28.11 4.29
C PHE E 104 -5.14 -28.25 5.82
N ASN E 105 -5.61 -29.36 6.35
CA ASN E 105 -5.47 -29.38 7.71
C ASN E 105 -4.08 -28.94 8.21
N LEU E 106 -3.02 -29.47 7.55
CA LEU E 106 -1.65 -29.17 7.97
C LEU E 106 -1.16 -27.69 7.79
N ILE E 107 -1.71 -27.05 6.73
CA ILE E 107 -1.39 -25.68 6.38
C ILE E 107 -1.88 -24.72 7.48
N LEU E 108 -3.18 -24.69 7.68
CA LEU E 108 -3.80 -23.77 8.64
C LEU E 108 -3.00 -23.59 9.91
N ASP E 109 -2.77 -22.33 10.26
CA ASP E 109 -2.03 -22.02 11.47
C ASP E 109 -3.00 -22.21 12.65
N PRO E 110 -2.55 -22.93 13.69
CA PRO E 110 -3.34 -23.21 14.89
C PRO E 110 -4.01 -21.96 15.45
N ASN E 111 -5.03 -22.19 16.24
CA ASN E 111 -5.82 -21.11 16.84
C ASN E 111 -6.77 -20.53 15.79
N ARG E 112 -6.74 -21.12 14.59
CA ARG E 112 -7.62 -20.73 13.48
C ARG E 112 -8.32 -21.95 12.86
N LYS E 113 -9.39 -21.71 12.12
CA LYS E 113 -10.16 -22.77 11.48
C LYS E 113 -10.15 -22.68 9.95
N ASP E 114 -9.67 -21.56 9.42
CA ASP E 114 -9.62 -21.36 7.98
C ASP E 114 -8.21 -21.02 7.52
N ILE E 115 -7.96 -21.07 6.21
CA ILE E 115 -6.64 -20.73 5.69
C ILE E 115 -6.73 -19.52 4.77
N ASP E 116 -5.69 -18.71 4.79
CA ASP E 116 -5.67 -17.51 3.95
C ASP E 116 -5.65 -17.88 2.48
N THR E 117 -6.50 -17.22 1.70
CA THR E 117 -6.59 -17.47 0.27
C THR E 117 -5.21 -17.50 -0.37
N ASP E 118 -4.25 -16.93 0.35
CA ASP E 118 -2.87 -16.87 -0.13
C ASP E 118 -2.27 -18.26 -0.33
N GLU E 119 -2.13 -19.03 0.75
CA GLU E 119 -1.58 -20.37 0.63
C GLU E 119 -2.53 -21.15 -0.26
N GLY E 120 -3.80 -20.78 -0.22
CA GLY E 120 -4.78 -21.46 -1.03
C GLY E 120 -4.29 -21.65 -2.45
N ILE E 121 -3.99 -20.54 -3.11
CA ILE E 121 -3.50 -20.52 -4.48
C ILE E 121 -2.11 -21.13 -4.56
N GLN E 122 -1.25 -20.68 -3.65
CA GLN E 122 0.12 -21.13 -3.60
C GLN E 122 0.23 -22.65 -3.48
N TYR E 123 -0.91 -23.33 -3.31
CA TYR E 123 -0.89 -24.79 -3.25
C TYR E 123 -1.74 -25.30 -4.38
N TRP E 124 -2.79 -24.56 -4.72
CA TRP E 124 -3.67 -24.94 -5.80
C TRP E 124 -2.93 -24.83 -7.13
N LYS E 125 -2.05 -23.85 -7.24
CA LYS E 125 -1.25 -23.65 -8.46
C LYS E 125 -0.59 -24.96 -8.84
N LEU E 126 -0.06 -25.68 -7.85
CA LEU E 126 0.62 -26.96 -8.03
C LEU E 126 -0.33 -28.16 -8.09
N PHE E 127 -1.21 -28.29 -7.10
CA PHE E 127 -2.14 -29.42 -7.08
C PHE E 127 -2.84 -29.54 -8.41
N PHE E 128 -3.38 -28.41 -8.90
CA PHE E 128 -4.11 -28.40 -10.16
C PHE E 128 -3.40 -28.02 -11.45
N GLN E 129 -2.28 -28.67 -11.72
CA GLN E 129 -1.56 -28.47 -12.95
C GLN E 129 -2.07 -29.59 -13.84
N PRO E 130 -1.67 -29.59 -15.11
CA PRO E 130 -2.09 -30.63 -16.06
C PRO E 130 -1.66 -32.07 -15.75
N GLU E 131 -0.45 -32.25 -15.22
CA GLU E 131 0.07 -33.61 -14.94
C GLU E 131 -0.56 -34.38 -13.79
N TYR E 132 -1.07 -33.69 -12.77
CA TYR E 132 -1.71 -34.42 -11.67
C TYR E 132 -3.12 -34.87 -12.09
N PRO E 133 -3.62 -35.97 -11.51
CA PRO E 133 -4.93 -36.59 -11.76
C PRO E 133 -6.16 -35.75 -12.14
N VAL E 134 -6.44 -34.67 -11.41
CA VAL E 134 -7.62 -33.88 -11.75
C VAL E 134 -7.38 -33.02 -12.98
N ARG E 135 -8.02 -33.44 -14.05
CA ARG E 135 -7.94 -32.88 -15.39
C ARG E 135 -8.74 -31.64 -15.79
N MET E 136 -8.10 -30.48 -15.77
CA MET E 136 -8.73 -29.21 -16.18
C MET E 136 -7.73 -28.19 -16.73
N GLU E 137 -8.19 -27.31 -17.61
CA GLU E 137 -7.33 -26.30 -18.23
C GLU E 137 -7.10 -25.08 -17.33
N PRO E 138 -5.90 -24.49 -17.41
CA PRO E 138 -5.54 -23.32 -16.60
C PRO E 138 -6.54 -22.17 -16.77
N ASP E 139 -7.25 -22.15 -17.89
CA ASP E 139 -8.25 -21.11 -18.11
C ASP E 139 -9.25 -21.29 -16.99
N LEU E 140 -9.57 -22.52 -16.67
CA LEU E 140 -10.52 -22.74 -15.60
C LEU E 140 -9.91 -22.27 -14.27
N LEU E 141 -8.60 -22.50 -14.07
CA LEU E 141 -7.96 -22.09 -12.82
C LEU E 141 -7.84 -20.59 -12.65
N GLU E 142 -7.15 -19.91 -13.57
CA GLU E 142 -6.99 -18.46 -13.47
C GLU E 142 -8.35 -17.88 -13.07
N ALA E 143 -9.41 -18.43 -13.65
CA ALA E 143 -10.77 -18.00 -13.37
C ALA E 143 -11.05 -17.96 -11.87
N TRP E 144 -11.07 -19.15 -11.26
CA TRP E 144 -11.31 -19.31 -9.83
C TRP E 144 -10.41 -18.42 -9.00
N PHE E 145 -9.13 -18.40 -9.35
CA PHE E 145 -8.17 -17.59 -8.63
C PHE E 145 -8.61 -16.13 -8.56
N ARG E 146 -8.66 -15.47 -9.71
CA ARG E 146 -9.05 -14.07 -9.78
C ARG E 146 -10.44 -13.81 -9.20
N PHE E 147 -11.34 -14.75 -9.37
CA PHE E 147 -12.69 -14.60 -8.81
C PHE E 147 -12.58 -14.25 -7.33
N LEU E 148 -11.64 -14.91 -6.66
CA LEU E 148 -11.42 -14.74 -5.22
C LEU E 148 -10.82 -13.40 -4.76
N ARG E 149 -9.88 -12.88 -5.53
CA ARG E 149 -9.25 -11.60 -5.20
C ARG E 149 -10.27 -10.47 -5.39
N ASP E 150 -10.93 -10.48 -6.55
CA ASP E 150 -11.95 -9.48 -6.91
C ASP E 150 -13.06 -9.27 -5.88
N GLU E 151 -13.55 -10.36 -5.30
CA GLU E 151 -14.64 -10.29 -4.32
C GLU E 151 -14.32 -9.82 -2.91
N GLY E 152 -13.06 -9.91 -2.51
CA GLY E 152 -12.68 -9.50 -1.17
C GLY E 152 -12.64 -10.73 -0.29
N LYS E 153 -12.71 -11.89 -0.93
CA LYS E 153 -12.69 -13.19 -0.25
C LYS E 153 -11.33 -13.38 0.43
N THR E 154 -11.31 -13.28 1.76
CA THR E 154 -10.08 -13.38 2.54
C THR E 154 -9.59 -14.78 2.97
N THR E 155 -10.53 -15.60 3.45
CA THR E 155 -10.18 -16.95 3.89
C THR E 155 -10.90 -18.05 3.09
N ILE E 156 -10.56 -19.30 3.40
CA ILE E 156 -11.16 -20.46 2.75
C ILE E 156 -11.36 -21.49 3.84
N SER E 157 -12.58 -22.03 3.96
CA SER E 157 -12.84 -23.02 5.01
C SER E 157 -12.54 -24.45 4.60
N LYS E 158 -12.44 -25.32 5.58
CA LYS E 158 -12.14 -26.71 5.29
C LYS E 158 -13.16 -27.29 4.35
N ASP E 159 -14.38 -26.75 4.37
CA ASP E 159 -15.45 -27.27 3.51
C ASP E 159 -15.29 -26.90 2.07
N THR E 160 -15.07 -25.62 1.82
CA THR E 160 -14.91 -25.16 0.45
C THR E 160 -13.57 -25.64 -0.16
N TRP E 161 -12.62 -26.05 0.69
CA TRP E 161 -11.34 -26.54 0.18
C TRP E 161 -11.46 -27.97 -0.31
N ARG E 162 -12.33 -28.72 0.35
CA ARG E 162 -12.57 -30.11 -0.03
C ARG E 162 -13.48 -30.15 -1.22
N MET E 163 -14.59 -29.43 -1.13
CA MET E 163 -15.57 -29.40 -2.21
C MET E 163 -15.03 -28.88 -3.53
N LEU E 164 -13.96 -28.08 -3.50
CA LEU E 164 -13.41 -27.59 -4.75
C LEU E 164 -12.67 -28.71 -5.48
N LEU E 165 -12.36 -29.81 -4.77
CA LEU E 165 -11.71 -30.93 -5.44
C LEU E 165 -12.85 -31.65 -6.15
N LEU E 166 -13.97 -31.82 -5.46
CA LEU E 166 -15.10 -32.48 -6.09
C LEU E 166 -15.52 -31.66 -7.30
N PHE E 167 -15.77 -30.37 -7.07
CA PHE E 167 -16.19 -29.47 -8.14
C PHE E 167 -15.31 -29.52 -9.39
N PHE E 168 -14.00 -29.49 -9.21
CA PHE E 168 -13.11 -29.53 -10.36
C PHE E 168 -13.09 -30.92 -10.95
N LYS E 169 -13.68 -31.89 -10.23
CA LYS E 169 -13.75 -33.26 -10.69
C LYS E 169 -14.98 -33.45 -11.56
N ARG E 170 -15.98 -32.58 -11.35
CA ARG E 170 -17.23 -32.63 -12.10
C ARG E 170 -17.30 -31.66 -13.28
N TYR E 171 -16.40 -30.70 -13.32
CA TYR E 171 -16.39 -29.73 -14.41
C TYR E 171 -14.99 -29.41 -14.90
N PRO E 172 -14.49 -30.14 -15.92
CA PRO E 172 -13.17 -29.97 -16.52
C PRO E 172 -12.90 -28.58 -17.11
N THR E 173 -13.94 -27.99 -17.70
CA THR E 173 -13.86 -26.67 -18.33
C THR E 173 -14.90 -25.70 -17.81
N ILE E 174 -14.77 -24.45 -18.22
CA ILE E 174 -15.67 -23.39 -17.75
C ILE E 174 -16.91 -23.36 -18.67
N GLN E 175 -16.70 -23.53 -19.97
CA GLN E 175 -17.77 -23.51 -20.95
C GLN E 175 -18.66 -24.76 -20.89
N LYS E 176 -18.31 -25.65 -19.98
CA LYS E 176 -19.05 -26.88 -19.79
C LYS E 176 -19.93 -26.78 -18.54
N ILE E 177 -19.52 -25.94 -17.57
CA ILE E 177 -20.29 -25.73 -16.33
C ILE E 177 -21.70 -25.26 -16.70
N ILE E 178 -21.80 -24.12 -17.39
CA ILE E 178 -23.10 -23.55 -17.79
C ILE E 178 -24.08 -24.62 -18.28
N SER E 179 -23.53 -25.62 -18.96
CA SER E 179 -24.33 -26.72 -19.48
C SER E 179 -24.93 -27.56 -18.35
N ASP E 180 -24.05 -27.94 -17.42
CA ASP E 180 -24.33 -28.85 -16.30
C ASP E 180 -24.50 -28.46 -14.83
N TYR E 181 -24.57 -27.18 -14.48
CA TYR E 181 -24.62 -26.89 -13.07
C TYR E 181 -25.92 -26.51 -12.44
N ASP E 182 -26.28 -27.25 -11.41
CA ASP E 182 -27.50 -26.94 -10.71
C ASP E 182 -27.19 -25.92 -9.62
N GLU E 183 -27.72 -24.70 -9.74
CA GLU E 183 -27.50 -23.68 -8.71
C GLU E 183 -28.31 -24.11 -7.49
N THR E 184 -29.33 -24.93 -7.72
CA THR E 184 -30.20 -25.49 -6.67
C THR E 184 -29.47 -26.51 -5.78
N ALA E 185 -28.61 -27.32 -6.40
CA ALA E 185 -27.84 -28.37 -5.76
C ALA E 185 -26.92 -28.11 -4.59
N ALA E 186 -26.26 -29.18 -4.17
CA ALA E 186 -25.33 -29.24 -3.06
C ALA E 186 -24.16 -28.30 -2.81
N TRP E 187 -23.41 -27.94 -3.83
CA TRP E 187 -22.23 -27.08 -3.61
C TRP E 187 -22.45 -25.92 -2.61
N PRO E 188 -21.40 -25.56 -1.88
CA PRO E 188 -21.50 -24.48 -0.89
C PRO E 188 -21.87 -23.16 -1.51
N PHE E 189 -22.17 -22.19 -0.66
CA PHE E 189 -22.58 -20.90 -1.20
C PHE E 189 -21.44 -20.17 -1.99
N ILE E 190 -20.19 -20.40 -1.61
CA ILE E 190 -19.07 -19.74 -2.32
C ILE E 190 -18.97 -20.23 -3.76
N ILE E 191 -18.87 -21.55 -3.95
CA ILE E 191 -18.78 -22.17 -5.27
C ILE E 191 -19.93 -21.71 -6.14
N ASP E 192 -21.15 -21.75 -5.60
CA ASP E 192 -22.34 -21.33 -6.34
C ASP E 192 -22.19 -19.91 -6.86
N GLU E 193 -21.54 -19.06 -6.07
CA GLU E 193 -21.32 -17.67 -6.45
C GLU E 193 -20.35 -17.58 -7.63
N PHE E 194 -19.33 -18.45 -7.63
CA PHE E 194 -18.33 -18.46 -8.69
C PHE E 194 -18.99 -18.68 -10.04
N TYR E 195 -20.15 -19.33 -10.03
CA TYR E 195 -20.93 -19.65 -11.23
C TYR E 195 -21.40 -18.38 -11.95
N GLU E 196 -21.52 -17.28 -11.20
CA GLU E 196 -21.97 -16.02 -11.77
C GLU E 196 -20.91 -15.02 -12.24
N CYS E 197 -19.68 -15.06 -11.70
CA CYS E 197 -18.68 -14.14 -12.24
C CYS E 197 -18.38 -14.71 -13.62
N LEU E 198 -19.43 -15.02 -14.38
CA LEU E 198 -19.31 -15.62 -15.71
C LEU E 198 -20.60 -15.48 -16.57
N THR F 6 -30.21 -10.34 6.42
CA THR F 6 -29.97 -10.90 7.81
C THR F 6 -31.28 -11.27 8.51
N GLU F 7 -32.35 -10.50 8.30
CA GLU F 7 -33.63 -10.83 8.96
C GLU F 7 -34.27 -12.19 8.53
N ARG F 8 -34.35 -12.48 7.22
CA ARG F 8 -34.94 -13.74 6.76
C ARG F 8 -34.06 -14.95 7.14
N GLN F 9 -32.76 -14.80 6.93
CA GLN F 9 -31.76 -15.83 7.18
C GLN F 9 -31.89 -16.35 8.62
N ILE F 10 -32.12 -15.45 9.56
CA ILE F 10 -32.25 -15.85 10.96
C ILE F 10 -33.42 -16.82 11.11
N PHE F 11 -34.48 -16.61 10.34
CA PHE F 11 -35.64 -17.51 10.46
C PHE F 11 -35.28 -18.88 9.84
N LEU F 12 -34.64 -18.89 8.65
CA LEU F 12 -34.26 -20.13 7.99
C LEU F 12 -33.24 -20.93 8.77
N GLU F 13 -32.35 -20.24 9.47
CA GLU F 13 -31.33 -20.94 10.23
C GLU F 13 -31.99 -21.72 11.39
N ALA F 14 -32.97 -21.11 12.04
CA ALA F 14 -33.64 -21.79 13.15
C ALA F 14 -34.50 -22.93 12.60
N CYS F 15 -35.12 -22.68 11.46
CA CYS F 15 -35.99 -23.67 10.83
C CYS F 15 -35.23 -24.97 10.58
N ILE F 16 -34.07 -24.85 9.95
CA ILE F 16 -33.25 -26.00 9.63
C ILE F 16 -32.72 -26.65 10.90
N VAL F 17 -32.30 -25.83 11.87
CA VAL F 17 -31.78 -26.34 13.13
C VAL F 17 -32.76 -27.29 13.81
N ARG F 18 -33.99 -26.83 14.01
CA ARG F 18 -35.03 -27.63 14.66
C ARG F 18 -35.43 -28.80 13.76
N ILE F 19 -35.45 -28.56 12.45
CA ILE F 19 -35.82 -29.58 11.48
C ILE F 19 -34.84 -30.75 11.52
N MET F 20 -33.63 -30.49 11.98
CA MET F 20 -32.61 -31.51 12.04
C MET F 20 -32.55 -32.12 13.41
N LYS F 21 -32.14 -31.34 14.42
CA LYS F 21 -32.04 -31.83 15.80
C LYS F 21 -32.82 -33.14 15.99
N ALA F 22 -33.96 -33.26 15.33
CA ALA F 22 -34.80 -34.46 15.38
C ALA F 22 -34.49 -35.54 14.32
N LYS F 23 -34.61 -35.23 13.03
CA LYS F 23 -34.29 -36.25 12.04
C LYS F 23 -32.82 -36.62 12.27
N ARG F 24 -32.03 -35.62 12.67
CA ARG F 24 -30.61 -35.81 12.99
C ARG F 24 -29.61 -36.05 11.85
N ASN F 25 -30.10 -36.40 10.67
CA ASN F 25 -29.25 -36.61 9.50
C ASN F 25 -30.11 -36.64 8.24
N LEU F 26 -29.87 -35.67 7.36
CA LEU F 26 -30.69 -35.56 6.15
C LEU F 26 -29.92 -35.24 4.88
N PRO F 27 -30.40 -35.78 3.75
CA PRO F 27 -29.71 -35.46 2.52
C PRO F 27 -29.87 -33.95 2.39
N HIS F 28 -29.31 -33.37 1.35
CA HIS F 28 -29.41 -31.93 1.17
C HIS F 28 -30.73 -31.58 0.48
N THR F 29 -30.94 -32.24 -0.65
CA THR F 29 -32.13 -32.03 -1.46
C THR F 29 -33.38 -32.16 -0.63
N THR F 30 -33.39 -33.10 0.30
CA THR F 30 -34.56 -33.27 1.13
C THR F 30 -34.62 -32.21 2.24
N LEU F 31 -33.47 -31.64 2.59
CA LEU F 31 -33.41 -30.63 3.66
C LEU F 31 -33.94 -29.24 3.32
N VAL F 32 -33.58 -28.70 2.15
CA VAL F 32 -34.09 -27.38 1.81
C VAL F 32 -35.60 -27.47 1.52
N ASN F 33 -36.02 -28.67 1.12
CA ASN F 33 -37.42 -28.96 0.82
C ASN F 33 -38.25 -29.01 2.10
N GLU F 34 -37.86 -29.86 3.06
CA GLU F 34 -38.61 -29.96 4.31
C GLU F 34 -38.50 -28.72 5.18
N CYS F 35 -37.61 -27.81 4.82
CA CYS F 35 -37.47 -26.57 5.59
C CYS F 35 -38.43 -25.56 4.98
N ILE F 36 -38.66 -25.69 3.68
CA ILE F 36 -39.57 -24.78 2.98
C ILE F 36 -41.02 -25.28 3.16
N ALA F 37 -41.24 -26.58 2.96
CA ALA F 37 -42.58 -27.16 3.12
C ALA F 37 -43.04 -27.10 4.58
N GLN F 38 -42.14 -26.76 5.50
CA GLN F 38 -42.51 -26.63 6.91
C GLN F 38 -42.59 -25.14 7.25
N SER F 39 -42.45 -24.30 6.22
CA SER F 39 -42.53 -22.86 6.39
C SER F 39 -43.31 -22.22 5.23
N PHE F 43 -44.18 -15.37 3.90
CA PHE F 43 -43.15 -15.01 2.92
C PHE F 43 -42.53 -16.27 2.30
N ASN F 44 -41.63 -16.09 1.34
CA ASN F 44 -41.00 -17.24 0.71
C ASN F 44 -39.65 -16.88 0.09
N ALA F 45 -38.61 -17.61 0.50
CA ALA F 45 -37.26 -17.37 0.00
C ALA F 45 -36.79 -18.44 -1.02
N LYS F 46 -35.67 -18.14 -1.65
CA LYS F 46 -35.06 -18.99 -2.69
C LYS F 46 -34.11 -20.10 -2.23
N VAL F 47 -33.52 -20.74 -3.22
CA VAL F 47 -32.54 -21.80 -3.02
C VAL F 47 -31.29 -21.15 -2.42
N SER F 48 -30.85 -20.05 -3.02
CA SER F 48 -29.68 -19.31 -2.56
C SER F 48 -29.81 -18.94 -1.09
N MET F 49 -30.98 -18.44 -0.72
CA MET F 49 -31.24 -18.03 0.64
C MET F 49 -31.17 -19.12 1.68
N VAL F 50 -31.68 -20.30 1.35
CA VAL F 50 -31.67 -21.40 2.32
C VAL F 50 -30.28 -22.08 2.41
N LYS F 51 -29.48 -22.01 1.34
CA LYS F 51 -28.13 -22.59 1.36
C LYS F 51 -27.24 -21.67 2.20
N ARG F 52 -27.49 -20.37 2.12
CA ARG F 52 -26.75 -19.40 2.90
C ARG F 52 -26.90 -19.77 4.36
N ALA F 53 -28.05 -20.36 4.69
CA ALA F 53 -28.32 -20.77 6.06
C ALA F 53 -27.59 -22.08 6.38
N ILE F 54 -26.89 -22.60 5.39
CA ILE F 54 -26.14 -23.84 5.59
C ILE F 54 -24.66 -23.52 5.78
N ASP F 55 -24.07 -22.82 4.79
CA ASP F 55 -22.67 -22.45 4.86
C ASP F 55 -22.34 -21.92 6.24
N SER F 56 -23.27 -21.16 6.79
CA SER F 56 -23.09 -20.57 8.10
C SER F 56 -23.17 -21.58 9.24
N LEU F 57 -24.15 -22.48 9.21
CA LEU F 57 -24.26 -23.48 10.29
C LEU F 57 -23.05 -24.41 10.27
N ILE F 58 -22.56 -24.73 9.08
CA ILE F 58 -21.39 -25.59 9.02
C ILE F 58 -20.28 -24.72 9.59
N GLN F 59 -20.13 -23.51 9.07
CA GLN F 59 -19.09 -22.62 9.56
C GLN F 59 -19.32 -22.27 11.03
N LYS F 60 -20.47 -21.68 11.37
CA LYS F 60 -20.76 -21.33 12.76
C LYS F 60 -20.77 -22.61 13.61
N GLY F 61 -20.43 -23.72 12.95
CA GLY F 61 -20.30 -25.03 13.57
C GLY F 61 -21.39 -25.89 14.19
N TYR F 62 -22.38 -26.32 13.40
CA TYR F 62 -23.44 -27.18 13.93
C TYR F 62 -23.77 -28.40 13.05
N LEU F 63 -23.32 -28.36 11.80
CA LEU F 63 -23.54 -29.44 10.85
C LEU F 63 -22.21 -29.79 10.23
N GLN F 64 -22.05 -31.04 9.84
CA GLN F 64 -20.85 -31.51 9.17
C GLN F 64 -21.42 -32.09 7.91
N ARG F 65 -20.78 -31.84 6.79
CA ARG F 65 -21.23 -32.36 5.51
C ARG F 65 -20.65 -33.77 5.39
N GLY F 66 -21.51 -34.74 5.07
CA GLY F 66 -21.05 -36.11 4.95
C GLY F 66 -20.19 -36.39 3.72
N ASP F 67 -19.65 -37.59 3.65
CA ASP F 67 -18.81 -37.97 2.52
C ASP F 67 -19.60 -37.89 1.25
N ASP F 68 -20.92 -37.88 1.39
CA ASP F 68 -21.78 -37.77 0.21
C ASP F 68 -21.34 -36.49 -0.44
N GLY F 69 -21.33 -35.45 0.39
CA GLY F 69 -21.02 -34.12 -0.09
C GLY F 69 -22.42 -33.57 -0.32
N GLU F 70 -23.40 -34.48 -0.24
CA GLU F 70 -24.81 -34.16 -0.43
C GLU F 70 -25.61 -34.41 0.83
N SER F 71 -24.96 -34.43 1.98
CA SER F 71 -25.66 -34.68 3.24
C SER F 71 -25.14 -33.83 4.38
N TYR F 72 -25.77 -33.95 5.55
CA TYR F 72 -25.35 -33.19 6.72
C TYR F 72 -25.74 -33.92 7.99
N ALA F 73 -24.82 -34.01 8.94
CA ALA F 73 -25.11 -34.66 10.23
C ALA F 73 -25.15 -33.58 11.30
N TYR F 74 -25.80 -33.87 12.42
CA TYR F 74 -25.93 -32.87 13.47
C TYR F 74 -24.93 -32.95 14.63
N LEU F 75 -23.91 -32.11 14.56
CA LEU F 75 -22.89 -32.07 15.61
C LEU F 75 -23.40 -31.39 16.88
N ALA F 76 -23.26 -32.11 18.00
CA ALA F 76 -23.69 -31.65 19.31
C ALA F 76 -25.09 -31.01 19.27
N GLU G 7 -21.52 4.44 19.83
CA GLU G 7 -20.77 3.34 20.50
C GLU G 7 -19.58 3.89 21.27
N LEU G 8 -19.01 4.95 20.70
CA LEU G 8 -17.85 5.64 21.24
C LEU G 8 -18.21 6.45 22.50
N THR G 9 -19.44 6.96 22.50
CA THR G 9 -19.96 7.78 23.60
C THR G 9 -20.13 7.06 24.95
N GLN G 10 -20.91 5.97 24.96
CA GLN G 10 -21.15 5.19 26.19
C GLN G 10 -19.82 5.04 26.97
N VAL G 11 -18.72 4.91 26.22
CA VAL G 11 -17.38 4.75 26.79
C VAL G 11 -16.91 5.97 27.55
N PHE G 12 -16.89 7.12 26.88
CA PHE G 12 -16.49 8.36 27.52
C PHE G 12 -17.23 8.45 28.85
N GLU G 13 -18.54 8.32 28.77
CA GLU G 13 -19.41 8.39 29.94
C GLU G 13 -19.18 7.35 31.02
N HIS G 14 -18.49 6.26 30.72
CA HIS G 14 -18.23 5.28 31.76
C HIS G 14 -17.07 5.79 32.58
N TYR G 15 -16.11 6.41 31.89
CA TYR G 15 -14.92 6.89 32.56
C TYR G 15 -14.94 8.27 33.20
N ILE G 16 -15.83 9.16 32.76
CA ILE G 16 -15.85 10.50 33.36
C ILE G 16 -16.38 10.57 34.78
N ASN G 17 -15.55 11.11 35.67
CA ASN G 17 -15.92 11.27 37.06
C ASN G 17 -16.58 12.63 37.22
N ASN G 18 -17.83 12.63 37.68
CA ASN G 18 -18.60 13.84 37.91
C ASN G 18 -18.59 14.84 36.75
N ASN G 19 -19.06 14.38 35.60
CA ASN G 19 -19.22 15.14 34.34
C ASN G 19 -18.03 15.74 33.56
N LEU G 20 -16.81 15.40 33.96
CA LEU G 20 -15.61 15.89 33.29
C LEU G 20 -14.54 14.80 33.24
N PHE G 21 -13.73 14.80 32.18
CA PHE G 21 -12.67 13.80 32.00
C PHE G 21 -11.38 14.23 32.72
N ASP G 22 -11.32 14.01 34.03
CA ASP G 22 -10.16 14.41 34.82
C ASP G 22 -9.12 13.32 34.99
N ILE G 23 -8.13 13.58 35.85
CA ILE G 23 -7.05 12.63 36.12
C ILE G 23 -7.53 11.22 36.47
N ASP G 24 -8.63 11.11 37.18
CA ASP G 24 -9.15 9.79 37.55
C ASP G 24 -9.72 9.16 36.28
N SER G 25 -10.19 10.01 35.36
CA SER G 25 -10.75 9.56 34.06
C SER G 25 -9.66 9.02 33.14
N LEU G 26 -8.43 9.48 33.37
CA LEU G 26 -7.26 9.08 32.57
C LEU G 26 -6.52 7.87 33.15
N VAL G 27 -6.31 7.86 34.46
CA VAL G 27 -5.61 6.73 35.07
C VAL G 27 -6.46 5.46 34.96
N LYS G 28 -7.73 5.54 35.32
CA LYS G 28 -8.60 4.38 35.21
C LYS G 28 -8.74 3.95 33.75
N PHE G 29 -8.57 4.91 32.84
CA PHE G 29 -8.67 4.63 31.40
C PHE G 29 -7.43 3.94 30.91
N ILE G 30 -6.28 4.26 31.49
CA ILE G 30 -5.06 3.58 31.08
C ILE G 30 -5.00 2.29 31.92
N GLU G 31 -5.58 2.34 33.13
CA GLU G 31 -5.63 1.18 34.02
C GLU G 31 -6.18 -0.04 33.25
N GLU G 32 -7.35 0.14 32.67
CA GLU G 32 -8.00 -0.93 31.93
C GLU G 32 -7.47 -1.12 30.52
N LEU G 33 -6.31 -0.55 30.26
CA LEU G 33 -5.69 -0.72 28.97
C LEU G 33 -4.44 -1.52 29.27
N GLY G 34 -4.25 -1.78 30.56
CA GLY G 34 -3.09 -2.55 30.99
C GLY G 34 -1.88 -1.66 31.15
N TYR G 35 -2.13 -0.49 31.72
CA TYR G 35 -1.07 0.49 31.91
C TYR G 35 -1.29 1.37 33.14
N ASN G 36 -0.23 2.05 33.55
CA ASN G 36 -0.29 2.98 34.66
C ASN G 36 0.26 4.29 34.12
N LEU G 37 0.23 5.35 34.92
CA LEU G 37 0.70 6.68 34.52
C LEU G 37 2.18 6.82 34.17
N GLU G 38 3.05 6.16 34.94
CA GLU G 38 4.51 6.20 34.75
C GLU G 38 5.00 6.02 33.32
N ASP G 39 4.47 5.01 32.65
CA ASP G 39 4.82 4.63 31.27
C ASP G 39 4.88 5.73 30.22
N LEU G 40 5.66 5.48 29.16
CA LEU G 40 5.79 6.45 28.08
C LEU G 40 4.77 6.18 26.97
N ALA G 41 4.01 5.11 27.14
CA ALA G 41 2.96 4.79 26.19
C ALA G 41 1.84 5.78 26.52
N THR G 42 1.72 6.11 27.80
CA THR G 42 0.73 7.05 28.29
C THR G 42 0.94 8.42 27.64
N LEU G 43 2.22 8.79 27.45
CA LEU G 43 2.60 10.06 26.85
C LEU G 43 2.05 10.18 25.44
N CYS G 44 1.95 9.04 24.76
CA CYS G 44 1.44 9.00 23.38
C CYS G 44 -0.06 9.25 23.34
N LEU G 45 -0.76 8.83 24.40
CA LEU G 45 -2.20 9.05 24.47
C LEU G 45 -2.41 10.54 24.61
N ALA G 46 -1.82 11.05 25.71
CA ALA G 46 -1.84 12.46 26.01
C ALA G 46 -1.74 13.15 24.66
N HIS G 47 -0.58 12.97 24.01
CA HIS G 47 -0.27 13.55 22.70
C HIS G 47 -1.31 13.31 21.59
N LEU G 48 -1.87 12.10 21.55
CA LEU G 48 -2.86 11.80 20.51
C LEU G 48 -4.11 12.61 20.74
N LEU G 49 -4.57 12.60 21.99
CA LEU G 49 -5.80 13.30 22.38
C LEU G 49 -5.64 14.82 22.43
N GLY G 50 -4.40 15.30 22.40
CA GLY G 50 -4.17 16.73 22.41
C GLY G 50 -4.08 17.38 23.78
N TYR G 51 -3.77 16.59 24.80
CA TYR G 51 -3.61 17.09 26.16
C TYR G 51 -2.57 18.23 26.18
N LYS G 52 -2.58 19.05 27.23
CA LYS G 52 -1.62 20.15 27.35
C LYS G 52 -0.88 19.93 28.67
N LYS G 53 -1.66 19.73 29.74
CA LYS G 53 -1.13 19.48 31.09
C LYS G 53 -1.70 18.13 31.54
N LEU G 54 -0.99 17.38 32.38
CA LEU G 54 -1.47 16.05 32.80
C LEU G 54 -2.72 16.07 33.68
N GLU G 55 -2.75 16.96 34.67
CA GLU G 55 -3.92 17.11 35.56
C GLU G 55 -4.81 18.13 34.88
N GLU G 56 -5.34 17.75 33.73
CA GLU G 56 -6.17 18.65 32.93
C GLU G 56 -7.45 17.95 32.51
N PRO G 57 -8.61 18.58 32.75
CA PRO G 57 -9.83 17.89 32.31
C PRO G 57 -9.85 17.86 30.76
N LEU G 58 -10.07 16.66 30.20
CA LEU G 58 -10.11 16.52 28.74
C LEU G 58 -11.48 16.84 28.18
N LYS G 59 -11.48 17.76 27.24
CA LYS G 59 -12.67 18.23 26.58
C LYS G 59 -13.41 17.09 25.89
N ARG G 60 -14.62 17.36 25.44
CA ARG G 60 -15.47 16.35 24.80
C ARG G 60 -15.21 16.13 23.32
N GLU G 61 -15.04 17.20 22.56
CA GLU G 61 -14.78 17.03 21.13
C GLU G 61 -13.38 16.46 20.92
N ASP G 62 -12.48 16.78 21.84
CA ASP G 62 -11.11 16.29 21.76
C ASP G 62 -11.14 14.75 21.77
N PHE G 63 -11.82 14.19 22.76
CA PHE G 63 -11.95 12.75 22.89
C PHE G 63 -12.65 12.13 21.68
N LEU G 64 -13.91 12.47 21.43
CA LEU G 64 -14.65 11.91 20.30
C LEU G 64 -14.07 12.15 18.90
N SER G 65 -13.39 13.26 18.69
CA SER G 65 -12.83 13.52 17.36
C SER G 65 -11.57 12.68 17.15
N THR G 66 -10.65 12.74 18.11
CA THR G 66 -9.40 11.99 18.04
C THR G 66 -9.66 10.53 17.70
N TRP G 67 -10.40 9.82 18.55
CA TRP G 67 -10.64 8.41 18.28
C TRP G 67 -11.44 8.17 17.01
N PHE G 68 -12.06 9.20 16.45
CA PHE G 68 -12.81 8.95 15.23
C PHE G 68 -11.93 8.92 14.00
N MET G 69 -10.74 9.51 14.10
CA MET G 69 -9.79 9.50 12.99
C MET G 69 -9.01 8.19 13.16
N GLN G 70 -9.15 7.58 14.33
CA GLN G 70 -8.48 6.32 14.63
C GLN G 70 -9.29 5.12 14.19
N GLY G 71 -10.60 5.28 14.09
CA GLY G 71 -11.46 4.16 13.70
C GLY G 71 -11.58 3.28 14.94
N CYS G 72 -11.60 3.94 16.10
CA CYS G 72 -11.67 3.26 17.37
C CYS G 72 -12.90 3.61 18.20
N SER G 73 -13.56 2.60 18.75
CA SER G 73 -14.73 2.82 19.60
C SER G 73 -14.92 1.80 20.75
N THR G 74 -14.25 0.64 20.70
CA THR G 74 -14.38 -0.30 21.82
C THR G 74 -13.26 0.10 22.76
N ILE G 75 -13.23 -0.41 23.98
CA ILE G 75 -12.13 -0.11 24.89
C ILE G 75 -11.00 -0.95 24.34
N SER G 76 -11.36 -1.91 23.52
CA SER G 76 -10.41 -2.81 22.89
C SER G 76 -9.91 -2.25 21.56
N ASP G 77 -10.68 -1.34 20.96
CA ASP G 77 -10.25 -0.71 19.72
C ASP G 77 -9.19 0.33 20.13
N MET G 78 -9.18 0.70 21.41
CA MET G 78 -8.21 1.66 21.95
C MET G 78 -6.83 0.97 22.06
N GLN G 79 -6.80 -0.25 22.60
CA GLN G 79 -5.57 -1.01 22.73
C GLN G 79 -4.92 -1.20 21.37
N GLU G 80 -5.72 -1.59 20.38
CA GLU G 80 -5.19 -1.75 19.04
C GLU G 80 -4.27 -0.55 18.85
N CYS G 81 -4.85 0.63 19.06
CA CYS G 81 -4.18 1.92 18.90
C CYS G 81 -2.91 2.23 19.72
N ILE G 82 -3.00 2.19 21.04
CA ILE G 82 -1.84 2.47 21.89
C ILE G 82 -0.70 1.55 21.50
N LYS G 83 -1.05 0.29 21.24
CA LYS G 83 -0.07 -0.72 20.88
C LYS G 83 0.75 -0.28 19.66
N THR G 84 0.11 0.37 18.68
CA THR G 84 0.79 0.86 17.50
C THR G 84 1.70 2.03 17.83
N LEU G 85 1.32 2.75 18.90
CA LEU G 85 2.07 3.92 19.36
C LEU G 85 3.34 3.48 20.12
N ASP G 86 3.16 2.68 21.17
CA ASP G 86 4.29 2.18 21.97
C ASP G 86 5.32 1.57 21.00
N VAL G 87 4.84 0.81 20.03
CA VAL G 87 5.71 0.22 19.02
C VAL G 87 6.31 1.34 18.17
N LYS G 88 5.50 2.28 17.69
CA LYS G 88 6.02 3.38 16.89
C LYS G 88 7.14 4.10 17.65
N LEU G 89 7.04 4.12 18.97
CA LEU G 89 8.04 4.77 19.83
C LEU G 89 9.37 4.02 19.84
N HIS G 90 9.34 2.74 19.47
CA HIS G 90 10.57 1.95 19.40
C HIS G 90 11.23 2.10 18.04
N GLU G 91 10.42 2.24 17.00
CA GLU G 91 10.98 2.33 15.66
C GLU G 91 11.15 3.70 15.05
N ASP G 92 10.13 4.54 15.10
CA ASP G 92 10.21 5.88 14.50
C ASP G 92 11.03 6.84 15.36
N LEU G 93 12.03 7.49 14.76
CA LEU G 93 12.85 8.43 15.50
C LEU G 93 12.21 9.83 15.52
N GLN G 94 11.56 10.25 14.44
CA GLN G 94 10.89 11.57 14.41
C GLN G 94 9.89 11.59 15.59
N TYR G 95 9.06 10.55 15.65
CA TYR G 95 8.04 10.38 16.68
C TYR G 95 8.61 10.34 18.09
N PHE G 96 9.71 9.64 18.25
CA PHE G 96 10.34 9.51 19.55
C PHE G 96 10.71 10.88 20.07
N THR G 97 11.41 11.64 19.24
CA THR G 97 11.84 12.97 19.62
C THR G 97 10.60 13.85 19.93
N GLN G 98 9.53 13.69 19.15
CA GLN G 98 8.31 14.46 19.37
C GLN G 98 7.82 14.15 20.79
N ILE G 99 7.66 12.87 21.08
CA ILE G 99 7.22 12.41 22.38
C ILE G 99 8.15 12.89 23.49
N TYR G 100 9.45 12.94 23.21
CA TYR G 100 10.39 13.35 24.23
C TYR G 100 10.26 14.83 24.59
N ASN G 101 10.10 15.67 23.58
CA ASN G 101 9.97 17.09 23.83
C ASN G 101 8.62 17.40 24.46
N TYR G 102 7.58 16.73 23.99
CA TYR G 102 6.23 16.90 24.51
C TYR G 102 6.09 16.46 25.98
N ALA G 103 6.81 15.41 26.37
CA ALA G 103 6.72 14.90 27.72
C ALA G 103 6.93 15.93 28.83
N PHE G 104 8.03 16.68 28.77
CA PHE G 104 8.34 17.67 29.79
C PHE G 104 7.12 18.43 30.28
N ASN G 105 6.26 18.84 29.35
CA ASN G 105 5.06 19.61 29.72
C ASN G 105 4.00 18.88 30.54
N LEU G 106 3.89 17.57 30.40
CA LEU G 106 2.91 16.85 31.19
C LEU G 106 3.47 16.65 32.59
N ILE G 107 4.73 16.22 32.65
CA ILE G 107 5.43 15.99 33.91
C ILE G 107 5.46 17.29 34.74
N LEU G 108 5.54 18.42 34.06
CA LEU G 108 5.58 19.74 34.71
C LEU G 108 4.19 20.06 35.19
N ASP G 109 4.10 20.67 36.36
CA ASP G 109 2.81 21.01 36.92
C ASP G 109 2.61 22.51 37.00
N PRO G 110 1.35 22.96 37.12
CA PRO G 110 1.11 24.40 37.21
C PRO G 110 1.70 24.97 38.52
N ASN G 111 1.95 26.27 38.54
CA ASN G 111 2.53 26.96 39.70
C ASN G 111 4.00 26.56 39.85
N ARG G 112 4.56 26.04 38.76
CA ARG G 112 5.96 25.62 38.74
C ARG G 112 6.57 25.92 37.38
N LYS G 113 7.89 26.06 37.35
CA LYS G 113 8.64 26.37 36.13
C LYS G 113 9.52 25.19 35.69
N ASP G 114 10.05 24.44 36.67
CA ASP G 114 10.92 23.29 36.40
C ASP G 114 10.37 22.02 37.05
N ILE G 115 10.98 20.88 36.78
CA ILE G 115 10.55 19.63 37.40
C ILE G 115 11.71 19.10 38.22
N ASP G 116 11.41 18.22 39.18
CA ASP G 116 12.45 17.65 40.02
C ASP G 116 13.38 16.80 39.16
N THR G 117 14.60 16.60 39.63
CA THR G 117 15.55 15.78 38.90
C THR G 117 15.07 14.37 39.08
N ASP G 118 14.40 14.13 40.20
CA ASP G 118 13.87 12.80 40.48
C ASP G 118 12.99 12.34 39.34
N GLU G 119 12.08 13.21 38.92
CA GLU G 119 11.20 12.89 37.80
C GLU G 119 12.01 12.67 36.55
N GLY G 120 12.75 13.68 36.12
CA GLY G 120 13.57 13.56 34.93
C GLY G 120 14.39 12.28 34.85
N ILE G 121 15.19 11.99 35.87
CA ILE G 121 16.03 10.80 35.89
C ILE G 121 15.18 9.53 35.74
N GLN G 122 13.98 9.56 36.31
CA GLN G 122 13.03 8.44 36.24
C GLN G 122 12.64 8.18 34.76
N TYR G 123 12.25 9.25 34.06
CA TYR G 123 11.88 9.17 32.63
C TYR G 123 13.09 8.89 31.73
N TRP G 124 14.20 9.56 32.02
CA TRP G 124 15.40 9.36 31.23
C TRP G 124 15.78 7.89 31.21
N LYS G 125 15.71 7.27 32.37
CA LYS G 125 16.05 5.85 32.49
C LYS G 125 15.18 5.00 31.56
N LEU G 126 14.04 5.55 31.15
CA LEU G 126 13.12 4.85 30.27
C LEU G 126 13.29 5.18 28.78
N PHE G 127 13.53 6.45 28.50
CA PHE G 127 13.70 6.91 27.13
C PHE G 127 14.98 6.44 26.48
N PHE G 128 16.07 6.65 27.18
CA PHE G 128 17.35 6.33 26.61
C PHE G 128 17.91 4.92 26.70
N GLN G 129 17.02 3.94 26.63
CA GLN G 129 17.43 2.54 26.66
C GLN G 129 17.78 2.02 25.26
N PRO G 130 18.76 1.10 25.16
CA PRO G 130 19.19 0.54 23.88
C PRO G 130 18.08 0.16 22.90
N GLU G 131 16.93 -0.21 23.43
CA GLU G 131 15.81 -0.60 22.58
C GLU G 131 15.27 0.56 21.75
N TYR G 132 15.35 1.78 22.26
CA TYR G 132 14.83 2.90 21.52
C TYR G 132 15.77 3.38 20.42
N PRO G 133 15.26 4.22 19.51
CA PRO G 133 15.97 4.80 18.37
C PRO G 133 17.28 5.50 18.64
N VAL G 134 17.49 5.95 19.87
CA VAL G 134 18.70 6.69 20.22
C VAL G 134 19.82 5.89 20.88
N ARG G 135 20.73 5.37 20.06
CA ARG G 135 21.86 4.60 20.55
C ARG G 135 22.74 5.52 21.38
N MET G 136 23.39 4.96 22.38
CA MET G 136 24.30 5.73 23.22
C MET G 136 24.94 4.77 24.19
N GLU G 137 26.12 5.13 24.69
CA GLU G 137 26.82 4.28 25.62
C GLU G 137 26.12 4.31 26.99
N PRO G 138 25.69 3.13 27.46
CA PRO G 138 24.99 3.04 28.75
C PRO G 138 25.75 3.69 29.91
N ASP G 139 27.08 3.74 29.84
CA ASP G 139 27.87 4.38 30.89
C ASP G 139 27.67 5.89 30.82
N LEU G 140 27.47 6.40 29.60
CA LEU G 140 27.27 7.83 29.38
C LEU G 140 26.04 8.29 30.13
N LEU G 141 24.95 7.54 30.04
CA LEU G 141 23.71 7.91 30.73
C LEU G 141 23.93 7.89 32.22
N GLU G 142 24.65 6.87 32.68
CA GLU G 142 24.92 6.70 34.09
C GLU G 142 25.73 7.88 34.70
N ALA G 143 26.73 8.35 33.97
CA ALA G 143 27.58 9.47 34.41
C ALA G 143 26.74 10.72 34.56
N TRP G 144 25.79 10.89 33.65
CA TRP G 144 24.90 12.04 33.64
C TRP G 144 24.10 12.10 34.93
N PHE G 145 23.66 10.92 35.38
CA PHE G 145 22.90 10.77 36.61
C PHE G 145 23.75 11.07 37.84
N ARG G 146 24.93 10.45 37.90
CA ARG G 146 25.86 10.64 39.01
C ARG G 146 26.15 12.13 39.13
N PHE G 147 26.50 12.73 38.00
CA PHE G 147 26.82 14.15 37.93
C PHE G 147 25.79 15.04 38.64
N LEU G 148 24.51 14.84 38.33
CA LEU G 148 23.41 15.62 38.92
C LEU G 148 23.26 15.33 40.41
N ARG G 149 23.63 14.13 40.80
CA ARG G 149 23.59 13.70 42.20
C ARG G 149 24.73 14.42 42.93
N ASP G 150 25.95 14.04 42.59
CA ASP G 150 27.16 14.62 43.16
C ASP G 150 27.15 16.15 43.23
N GLU G 151 26.92 16.80 42.10
CA GLU G 151 26.93 18.25 42.01
C GLU G 151 25.70 18.91 42.62
N GLY G 152 24.77 18.08 43.09
CA GLY G 152 23.56 18.60 43.72
C GLY G 152 22.55 19.36 42.88
N LYS G 153 22.40 18.96 41.61
CA LYS G 153 21.42 19.62 40.75
C LYS G 153 20.05 19.04 41.12
N THR G 154 19.12 19.90 41.50
CA THR G 154 17.82 19.43 41.92
C THR G 154 16.61 19.84 41.08
N THR G 155 16.68 21.00 40.41
CA THR G 155 15.58 21.43 39.55
C THR G 155 16.08 21.31 38.10
N ILE G 156 15.33 20.59 37.27
CA ILE G 156 15.66 20.41 35.86
C ILE G 156 14.74 21.36 35.09
N SER G 157 15.27 22.06 34.09
CA SER G 157 14.46 23.02 33.32
C SER G 157 14.07 22.58 31.92
N LYS G 158 13.18 23.37 31.29
CA LYS G 158 12.70 23.11 29.94
C LYS G 158 13.88 22.99 28.97
N ASP G 159 14.88 23.82 29.22
CA ASP G 159 16.11 23.91 28.43
C ASP G 159 16.92 22.63 28.54
N THR G 160 17.35 22.31 29.75
CA THR G 160 18.14 21.11 29.97
C THR G 160 17.41 19.88 29.44
N TRP G 161 16.07 19.89 29.47
CA TRP G 161 15.34 18.72 28.98
C TRP G 161 15.40 18.67 27.46
N ARG G 162 15.02 19.78 26.82
CA ARG G 162 15.03 19.82 25.37
C ARG G 162 16.43 19.53 24.87
N MET G 163 17.41 20.18 25.46
CA MET G 163 18.82 20.06 25.04
C MET G 163 19.60 18.76 25.27
N LEU G 164 19.26 18.01 26.31
CA LEU G 164 20.03 16.82 26.60
C LEU G 164 20.01 15.83 25.46
N LEU G 165 18.84 15.67 24.86
CA LEU G 165 18.64 14.72 23.75
C LEU G 165 19.57 15.03 22.64
N LEU G 166 19.53 16.28 22.19
CA LEU G 166 20.38 16.75 21.12
C LEU G 166 21.80 16.42 21.47
N PHE G 167 22.17 16.60 22.73
CA PHE G 167 23.53 16.30 23.19
C PHE G 167 23.89 14.83 22.98
N PHE G 168 23.10 13.91 23.51
CA PHE G 168 23.40 12.49 23.35
C PHE G 168 23.33 12.06 21.89
N LYS G 169 22.43 12.68 21.12
CA LYS G 169 22.31 12.35 19.71
C LYS G 169 23.63 12.68 19.06
N ARG G 170 24.09 13.90 19.35
CA ARG G 170 25.34 14.44 18.83
C ARG G 170 26.59 13.73 19.37
N TYR G 171 26.50 13.29 20.63
CA TYR G 171 27.60 12.58 21.28
C TYR G 171 27.11 11.27 21.86
N PRO G 172 27.44 10.14 21.21
CA PRO G 172 27.04 8.82 21.65
C PRO G 172 27.81 8.28 22.85
N THR G 173 29.14 8.30 22.82
CA THR G 173 29.92 7.77 23.94
C THR G 173 30.67 8.82 24.78
N ILE G 174 30.99 8.48 26.03
CA ILE G 174 31.71 9.40 26.94
C ILE G 174 33.04 9.84 26.35
N GLN G 175 33.73 8.87 25.75
CA GLN G 175 35.04 9.08 25.12
C GLN G 175 34.99 9.79 23.78
N LYS G 176 33.80 9.97 23.23
CA LYS G 176 33.66 10.70 21.97
C LYS G 176 33.52 12.16 22.40
N ILE G 177 33.04 12.36 23.64
CA ILE G 177 32.84 13.67 24.23
C ILE G 177 34.14 14.27 24.72
N ILE G 178 35.01 13.45 25.29
CA ILE G 178 36.28 13.97 25.80
C ILE G 178 37.16 14.32 24.64
N SER G 179 36.99 13.62 23.54
CA SER G 179 37.79 13.86 22.38
C SER G 179 37.36 15.08 21.55
N ASP G 180 36.07 15.42 21.54
CA ASP G 180 35.63 16.54 20.70
C ASP G 180 34.69 17.62 21.21
N TYR G 181 34.32 17.58 22.48
CA TYR G 181 33.45 18.62 23.01
C TYR G 181 34.27 19.89 23.19
N ASP G 182 33.80 21.01 22.63
CA ASP G 182 34.49 22.29 22.80
C ASP G 182 33.62 23.13 23.74
N GLU G 183 34.09 23.25 24.98
CA GLU G 183 33.41 23.99 26.04
C GLU G 183 33.19 25.47 25.80
N THR G 184 33.64 25.99 24.65
CA THR G 184 33.47 27.40 24.34
C THR G 184 32.56 27.57 23.13
N ALA G 185 31.79 26.52 22.85
CA ALA G 185 30.83 26.53 21.78
C ALA G 185 29.51 26.97 22.40
N ALA G 186 28.39 26.68 21.75
CA ALA G 186 27.09 27.10 22.24
C ALA G 186 26.26 26.11 23.03
N TRP G 187 26.88 25.09 23.61
CA TRP G 187 26.09 24.17 24.41
C TRP G 187 25.66 24.83 25.72
N PRO G 188 24.74 24.19 26.46
CA PRO G 188 24.29 24.79 27.72
C PRO G 188 25.41 24.75 28.72
N PHE G 189 25.36 25.66 29.69
CA PHE G 189 26.38 25.72 30.72
C PHE G 189 26.36 24.43 31.53
N ILE G 190 25.20 23.76 31.56
CA ILE G 190 25.05 22.51 32.32
C ILE G 190 25.82 21.30 31.74
N ILE G 191 26.24 21.39 30.48
CA ILE G 191 26.98 20.30 29.88
C ILE G 191 28.45 20.65 29.95
N ASP G 192 28.76 21.94 29.94
CA ASP G 192 30.15 22.34 30.06
C ASP G 192 30.51 21.92 31.47
N GLU G 193 29.58 22.14 32.39
CA GLU G 193 29.84 21.78 33.78
C GLU G 193 29.99 20.27 33.89
N PHE G 194 29.25 19.53 33.07
CA PHE G 194 29.30 18.06 33.02
C PHE G 194 30.56 17.59 32.29
N TYR G 195 31.16 18.50 31.54
CA TYR G 195 32.38 18.19 30.82
C TYR G 195 33.53 18.13 31.83
N GLU G 196 33.26 18.62 33.04
CA GLU G 196 34.24 18.66 34.14
C GLU G 196 34.57 17.32 34.80
N CYS G 197 33.53 16.54 35.11
CA CYS G 197 33.72 15.27 35.79
C CYS G 197 34.32 14.23 34.87
N LEU G 198 33.76 14.12 33.68
CA LEU G 198 34.24 13.14 32.72
C LEU G 198 35.75 13.29 32.50
N GLN H 9 29.22 39.62 41.66
CA GLN H 9 28.78 40.58 40.62
C GLN H 9 28.79 40.13 39.19
N ILE H 10 27.54 40.00 38.77
CA ILE H 10 26.95 39.63 37.49
C ILE H 10 26.74 40.98 36.75
N PHE H 11 27.85 41.54 36.27
CA PHE H 11 27.90 42.77 35.53
C PHE H 11 27.33 42.32 34.19
N LEU H 12 27.26 41.00 34.07
CA LEU H 12 26.85 40.28 32.87
C LEU H 12 25.39 40.08 32.45
N GLU H 13 24.44 39.85 33.37
CA GLU H 13 23.05 39.68 32.91
C GLU H 13 22.69 41.00 32.27
N ALA H 14 23.20 42.07 32.90
CA ALA H 14 23.00 43.45 32.49
C ALA H 14 23.55 43.75 31.10
N CYS H 15 24.77 43.30 30.83
CA CYS H 15 25.40 43.52 29.54
C CYS H 15 24.73 42.70 28.47
N ILE H 16 24.50 41.42 28.74
CA ILE H 16 23.85 40.55 27.77
C ILE H 16 22.55 41.21 27.33
N VAL H 17 21.64 41.48 28.27
CA VAL H 17 20.37 42.10 27.90
C VAL H 17 20.54 43.42 27.13
N ARG H 18 21.54 44.23 27.46
CA ARG H 18 21.74 45.49 26.73
C ARG H 18 22.16 45.24 25.26
N ILE H 19 22.68 44.04 24.99
CA ILE H 19 23.09 43.67 23.64
C ILE H 19 21.93 42.91 22.97
N MET H 20 21.30 42.03 23.73
CA MET H 20 20.19 41.26 23.21
C MET H 20 18.92 42.09 23.05
N LYS H 21 18.48 42.75 24.13
CA LYS H 21 17.27 43.57 24.03
C LYS H 21 17.40 44.47 22.79
N ALA H 22 18.62 44.97 22.59
CA ALA H 22 18.95 45.83 21.47
C ALA H 22 18.82 45.08 20.13
N LYS H 23 19.20 43.82 20.09
CA LYS H 23 19.05 43.01 18.87
C LYS H 23 18.30 41.76 19.29
N ARG H 24 17.18 41.45 18.65
CA ARG H 24 16.47 40.26 19.09
C ARG H 24 17.36 39.03 18.85
N ASN H 25 18.26 39.08 17.86
CA ASN H 25 19.11 37.91 17.55
C ASN H 25 20.61 38.18 17.37
N LEU H 26 21.43 37.20 17.77
CA LEU H 26 22.92 37.26 17.68
C LEU H 26 23.54 35.87 17.83
N PRO H 27 24.52 35.52 16.98
CA PRO H 27 25.12 34.19 17.15
C PRO H 27 25.91 34.16 18.46
N HIS H 28 26.07 32.96 19.03
CA HIS H 28 26.76 32.76 20.31
C HIS H 28 28.08 33.52 20.45
N THR H 29 28.93 33.34 19.45
CA THR H 29 30.25 33.95 19.36
C THR H 29 30.23 35.47 19.50
N THR H 30 29.29 36.14 18.83
CA THR H 30 29.20 37.59 18.90
C THR H 30 28.74 38.08 20.26
N LEU H 31 27.79 37.35 20.85
CA LEU H 31 27.28 37.70 22.16
C LEU H 31 28.38 37.57 23.20
N VAL H 32 28.99 36.39 23.33
CA VAL H 32 30.08 36.21 24.30
C VAL H 32 31.15 37.29 24.07
N ASN H 33 31.61 37.43 22.84
CA ASN H 33 32.65 38.39 22.51
C ASN H 33 32.35 39.84 22.86
N GLU H 34 31.17 40.32 22.50
CA GLU H 34 30.81 41.71 22.77
C GLU H 34 30.65 41.92 24.27
N CYS H 35 30.19 40.87 24.93
CA CYS H 35 29.96 40.88 26.37
C CYS H 35 31.30 40.98 27.07
N ILE H 36 32.26 40.17 26.63
CA ILE H 36 33.59 40.18 27.22
C ILE H 36 34.24 41.54 27.06
N ALA H 37 33.98 42.19 25.93
CA ALA H 37 34.55 43.51 25.69
C ALA H 37 34.09 44.50 26.76
N GLN H 38 32.78 44.55 27.00
CA GLN H 38 32.24 45.48 27.96
C GLN H 38 32.56 45.19 29.42
N SER H 39 33.07 43.98 29.69
CA SER H 39 33.43 43.58 31.04
C SER H 39 34.92 43.83 31.27
N HIS H 40 35.53 44.64 30.41
CA HIS H 40 36.96 44.96 30.49
C HIS H 40 37.26 46.04 31.55
N GLN H 41 36.37 47.01 31.67
CA GLN H 41 36.59 48.09 32.61
C GLN H 41 36.12 47.90 34.05
N ARG H 42 35.70 46.69 34.41
CA ARG H 42 35.29 46.40 35.79
C ARG H 42 35.69 45.02 36.30
N PHE H 43 35.18 43.99 35.64
CA PHE H 43 35.42 42.61 36.07
C PHE H 43 36.27 41.71 35.18
N ASN H 44 36.47 42.07 33.92
CA ASN H 44 37.24 41.23 32.97
C ASN H 44 36.82 39.77 33.12
N ALA H 45 35.57 39.49 32.78
CA ALA H 45 35.03 38.16 32.88
C ALA H 45 35.57 37.20 31.84
N LYS H 46 35.61 35.91 32.21
CA LYS H 46 36.09 34.83 31.34
C LYS H 46 34.96 34.25 30.49
N VAL H 47 35.29 33.28 29.63
CA VAL H 47 34.29 32.67 28.76
C VAL H 47 33.23 31.99 29.62
N SER H 48 33.67 31.16 30.56
CA SER H 48 32.77 30.46 31.47
C SER H 48 31.73 31.39 32.07
N MET H 49 32.21 32.48 32.66
CA MET H 49 31.39 33.48 33.34
C MET H 49 30.29 34.07 32.45
N VAL H 50 30.54 34.17 31.15
CA VAL H 50 29.53 34.72 30.26
C VAL H 50 28.50 33.63 30.06
N LYS H 51 28.97 32.43 29.75
CA LYS H 51 28.10 31.30 29.55
C LYS H 51 27.19 31.12 30.75
N ARG H 52 27.75 31.24 31.95
CA ARG H 52 26.97 31.07 33.18
C ARG H 52 25.83 32.07 33.16
N ALA H 53 26.10 33.31 32.76
CA ALA H 53 25.08 34.36 32.69
C ALA H 53 24.16 34.16 31.48
N ILE H 54 24.69 33.56 30.42
CA ILE H 54 23.89 33.27 29.21
C ILE H 54 22.81 32.32 29.69
N ASP H 55 23.24 31.34 30.47
CA ASP H 55 22.39 30.31 31.02
C ASP H 55 21.39 30.89 32.02
N SER H 56 21.89 31.77 32.88
CA SER H 56 21.05 32.40 33.89
C SER H 56 19.85 33.07 33.20
N LEU H 57 20.11 33.96 32.26
CA LEU H 57 19.06 34.68 31.53
C LEU H 57 18.19 33.75 30.69
N ILE H 58 18.60 32.48 30.59
CA ILE H 58 17.85 31.48 29.84
C ILE H 58 16.90 30.73 30.74
N GLN H 59 17.29 30.46 31.99
CA GLN H 59 16.39 29.75 32.90
C GLN H 59 15.24 30.68 33.32
N LYS H 60 15.51 31.99 33.29
CA LYS H 60 14.52 33.01 33.66
C LYS H 60 13.51 33.37 32.55
N GLY H 61 13.74 32.87 31.34
CA GLY H 61 12.82 33.15 30.24
C GLY H 61 13.10 34.40 29.42
N TYR H 62 14.31 34.95 29.57
CA TYR H 62 14.68 36.14 28.82
C TYR H 62 15.44 35.86 27.54
N LEU H 63 15.86 34.61 27.38
CA LEU H 63 16.59 34.22 26.19
C LEU H 63 16.09 32.90 25.63
N GLN H 64 16.17 32.79 24.30
CA GLN H 64 15.79 31.60 23.56
C GLN H 64 17.01 31.09 22.79
N ARG H 65 16.88 29.93 22.17
CA ARG H 65 17.97 29.41 21.38
C ARG H 65 17.55 29.24 19.91
N GLY H 66 18.11 30.12 19.05
CA GLY H 66 17.83 30.08 17.63
C GLY H 66 17.92 28.63 17.19
N ASP H 67 17.26 28.26 16.10
CA ASP H 67 17.28 26.86 15.67
C ASP H 67 18.64 26.29 15.20
N ASP H 68 19.57 27.19 14.86
CA ASP H 68 20.91 26.81 14.43
C ASP H 68 21.56 25.96 15.52
N GLY H 69 21.49 26.49 16.73
CA GLY H 69 22.09 25.83 17.87
C GLY H 69 23.34 26.62 18.13
N GLU H 70 23.39 27.83 17.58
CA GLU H 70 24.53 28.70 17.77
C GLU H 70 24.15 30.18 17.78
N SER H 71 22.90 30.44 18.14
CA SER H 71 22.39 31.81 18.25
C SER H 71 21.38 31.86 19.39
N TYR H 72 21.20 33.05 19.95
CA TYR H 72 20.26 33.24 21.05
C TYR H 72 19.34 34.40 20.69
N ALA H 73 18.06 34.26 20.97
CA ALA H 73 17.10 35.31 20.68
C ALA H 73 16.58 35.90 21.98
N TYR H 74 16.46 37.22 22.00
CA TYR H 74 15.99 37.99 23.15
C TYR H 74 14.47 37.87 23.33
N LEU H 75 14.03 37.74 24.58
CA LEU H 75 12.60 37.57 24.87
C LEU H 75 11.86 38.69 25.58
N ALA H 76 10.53 38.63 25.45
CA ALA H 76 9.60 39.57 26.05
C ALA H 76 9.70 39.45 27.57
N LEU I 8 -47.82 -15.87 21.41
CA LEU I 8 -46.39 -15.84 21.75
C LEU I 8 -45.80 -14.43 21.63
N THR I 9 -46.30 -13.68 20.66
CA THR I 9 -45.84 -12.32 20.36
C THR I 9 -46.17 -11.16 21.32
N GLN I 10 -47.03 -11.39 22.30
CA GLN I 10 -47.37 -10.34 23.25
C GLN I 10 -46.75 -10.71 24.61
N VAL I 11 -46.47 -12.01 24.76
CA VAL I 11 -45.81 -12.55 25.95
C VAL I 11 -44.54 -11.73 25.90
N PHE I 12 -43.99 -11.67 24.70
CA PHE I 12 -42.79 -10.91 24.39
C PHE I 12 -43.22 -9.45 24.29
N ILE I 23 -34.19 -5.37 29.00
CA ILE I 23 -33.39 -5.58 30.22
C ILE I 23 -34.29 -5.62 31.45
N ASP I 24 -35.49 -5.06 31.31
CA ASP I 24 -36.46 -5.07 32.41
C ASP I 24 -37.43 -6.18 32.13
N SER I 25 -37.58 -6.48 30.84
CA SER I 25 -38.46 -7.55 30.39
C SER I 25 -37.94 -8.87 30.99
N LEU I 26 -36.64 -9.09 30.84
CA LEU I 26 -35.98 -10.30 31.33
C LEU I 26 -36.26 -10.63 32.78
N VAL I 27 -36.19 -9.63 33.66
CA VAL I 27 -36.41 -9.83 35.08
C VAL I 27 -37.83 -10.29 35.42
N LYS I 28 -38.80 -9.80 34.66
CA LYS I 28 -40.19 -10.19 34.85
C LYS I 28 -40.42 -11.47 34.04
N PHE I 29 -39.43 -11.85 33.25
CA PHE I 29 -39.53 -13.08 32.49
C PHE I 29 -39.03 -14.17 33.44
N ILE I 30 -37.80 -13.99 33.95
CA ILE I 30 -37.20 -14.96 34.88
C ILE I 30 -37.82 -14.85 36.29
N GLU I 38 -29.53 -13.23 38.73
CA GLU I 38 -28.31 -13.51 39.50
C GLU I 38 -27.97 -14.99 39.36
N ASP I 39 -29.02 -15.77 39.14
CA ASP I 39 -28.95 -17.22 39.03
C ASP I 39 -28.13 -17.83 37.91
N LEU I 40 -27.54 -18.99 38.21
CA LEU I 40 -26.73 -19.76 37.27
C LEU I 40 -27.56 -20.09 36.03
N ALA I 41 -28.75 -20.62 36.28
CA ALA I 41 -29.67 -21.00 35.20
C ALA I 41 -29.95 -19.86 34.24
N THR I 42 -29.97 -18.64 34.77
CA THR I 42 -30.24 -17.46 33.97
C THR I 42 -29.10 -17.31 32.95
N LEU I 43 -27.90 -17.70 33.37
CA LEU I 43 -26.74 -17.63 32.48
C LEU I 43 -26.98 -18.61 31.35
N CYS I 44 -27.54 -19.76 31.72
CA CYS I 44 -27.86 -20.80 30.75
C CYS I 44 -28.93 -20.26 29.79
N LEU I 45 -29.88 -19.51 30.36
CA LEU I 45 -30.93 -18.92 29.55
C LEU I 45 -30.31 -17.88 28.62
N ALA I 46 -29.28 -17.19 29.13
CA ALA I 46 -28.56 -16.15 28.38
C ALA I 46 -27.76 -16.74 27.24
N HIS I 47 -27.01 -17.78 27.55
CA HIS I 47 -26.20 -18.47 26.56
C HIS I 47 -27.07 -19.12 25.49
N LEU I 48 -28.20 -19.66 25.90
CA LEU I 48 -29.12 -20.29 24.96
C LEU I 48 -29.74 -19.21 24.09
N LEU I 49 -30.00 -18.06 24.69
CA LEU I 49 -30.61 -16.96 23.97
C LEU I 49 -29.62 -16.16 23.13
N GLY I 50 -28.32 -16.29 23.40
CA GLY I 50 -27.34 -15.60 22.58
C GLY I 50 -26.97 -14.15 22.79
N TYR I 51 -26.60 -13.81 24.02
CA TYR I 51 -26.15 -12.45 24.35
C TYR I 51 -24.65 -12.54 24.45
N LYS I 52 -23.99 -11.40 24.42
CA LYS I 52 -22.54 -11.37 24.59
C LYS I 52 -22.35 -10.32 25.68
N LYS I 53 -23.41 -9.53 25.88
CA LYS I 53 -23.45 -8.49 26.92
C LYS I 53 -24.84 -8.55 27.56
N LEU I 54 -24.84 -8.89 28.84
CA LEU I 54 -26.02 -9.03 29.69
C LEU I 54 -27.02 -7.87 29.68
N GLU I 55 -26.51 -6.65 29.70
CA GLU I 55 -27.32 -5.43 29.75
C GLU I 55 -27.93 -5.01 28.40
N GLU I 56 -27.42 -5.55 27.29
CA GLU I 56 -27.91 -5.17 25.97
C GLU I 56 -29.31 -5.70 25.63
N PRO I 57 -30.22 -4.79 25.21
CA PRO I 57 -31.58 -5.15 24.85
C PRO I 57 -31.60 -6.19 23.72
N LEU I 58 -32.21 -7.34 23.98
CA LEU I 58 -32.30 -8.41 22.99
C LEU I 58 -33.16 -7.97 21.82
N LYS I 59 -32.89 -8.48 20.62
CA LYS I 59 -33.68 -8.09 19.45
C LYS I 59 -34.95 -8.94 19.35
N ARG I 60 -35.97 -8.36 18.75
CA ARG I 60 -37.25 -9.03 18.56
C ARG I 60 -37.08 -10.37 17.88
N GLU I 61 -36.27 -10.37 16.83
CA GLU I 61 -35.99 -11.55 16.02
C GLU I 61 -35.31 -12.70 16.77
N ASP I 62 -34.60 -12.39 17.86
CA ASP I 62 -33.87 -13.42 18.61
C ASP I 62 -34.64 -14.23 19.66
N PHE I 63 -35.47 -13.58 20.46
CA PHE I 63 -36.23 -14.30 21.51
C PHE I 63 -37.12 -15.37 20.89
N LEU I 64 -37.76 -15.01 19.78
CA LEU I 64 -38.66 -15.91 19.09
C LEU I 64 -37.96 -17.17 18.57
N SER I 65 -36.89 -17.00 17.81
CA SER I 65 -36.16 -18.14 17.26
C SER I 65 -35.63 -19.13 18.30
N THR I 66 -34.89 -18.62 19.28
CA THR I 66 -34.30 -19.46 20.33
C THR I 66 -35.26 -20.43 21.00
N TRP I 67 -36.49 -20.01 21.21
CA TRP I 67 -37.45 -20.90 21.83
C TRP I 67 -38.11 -21.75 20.77
N PHE I 68 -37.99 -21.32 19.51
CA PHE I 68 -38.58 -22.09 18.41
C PHE I 68 -37.73 -23.30 18.08
N MET I 69 -36.41 -23.12 18.08
CA MET I 69 -35.54 -24.24 17.77
C MET I 69 -35.45 -25.25 18.90
N GLN I 70 -35.92 -24.87 20.08
CA GLN I 70 -35.98 -25.81 21.18
C GLN I 70 -37.48 -26.14 21.08
N GLY I 71 -38.11 -25.51 20.10
CA GLY I 71 -39.53 -25.68 19.80
C GLY I 71 -40.53 -25.39 20.90
N THR I 74 -45.32 -21.41 24.27
CA THR I 74 -46.14 -21.22 25.47
C THR I 74 -45.23 -21.07 26.71
N ILE I 75 -45.72 -20.45 27.79
CA ILE I 75 -44.87 -20.29 28.98
C ILE I 75 -44.39 -21.63 29.52
N SER I 76 -45.29 -22.60 29.57
CA SER I 76 -44.96 -23.91 30.09
C SER I 76 -43.71 -24.48 29.41
N ASP I 77 -43.77 -24.74 28.11
CA ASP I 77 -42.62 -25.29 27.39
C ASP I 77 -41.31 -24.58 27.77
N MET I 78 -41.39 -23.28 28.04
CA MET I 78 -40.21 -22.53 28.44
C MET I 78 -39.58 -23.19 29.66
N GLN I 79 -40.36 -23.34 30.73
CA GLN I 79 -39.85 -23.97 31.95
C GLN I 79 -39.58 -25.45 31.75
N GLU I 80 -39.84 -25.92 30.53
CA GLU I 80 -39.64 -27.33 30.21
C GLU I 80 -38.19 -27.62 29.89
N CYS I 81 -37.68 -26.97 28.85
CA CYS I 81 -36.32 -27.19 28.39
C CYS I 81 -35.21 -26.63 29.27
N ILE I 82 -35.33 -25.38 29.68
CA ILE I 82 -34.32 -24.79 30.53
C ILE I 82 -34.01 -25.78 31.64
N LYS I 83 -35.05 -26.30 32.31
CA LYS I 83 -34.83 -27.25 33.40
C LYS I 83 -33.90 -28.39 32.98
N THR I 84 -33.99 -28.80 31.71
CA THR I 84 -33.14 -29.87 31.18
C THR I 84 -31.68 -29.39 31.10
N LEU I 85 -31.49 -28.18 30.58
CA LEU I 85 -30.16 -27.58 30.46
C LEU I 85 -29.66 -27.37 31.88
N ASP I 86 -30.54 -26.91 32.76
CA ASP I 86 -30.20 -26.68 34.16
C ASP I 86 -29.50 -27.94 34.65
N VAL I 87 -30.13 -29.08 34.37
CA VAL I 87 -29.61 -30.38 34.76
C VAL I 87 -28.38 -30.75 33.94
N LYS I 88 -28.33 -30.32 32.68
CA LYS I 88 -27.17 -30.62 31.86
C LYS I 88 -25.98 -29.79 32.38
N LEU I 89 -26.27 -28.87 33.31
CA LEU I 89 -25.22 -28.02 33.89
C LEU I 89 -24.66 -28.66 35.16
N HIS I 90 -25.54 -29.10 36.06
CA HIS I 90 -25.13 -29.74 37.32
C HIS I 90 -24.36 -31.03 37.16
N GLU I 91 -24.55 -31.72 36.03
CA GLU I 91 -23.89 -33.00 35.77
C GLU I 91 -22.81 -32.97 34.69
N ASP I 92 -23.20 -32.47 33.51
CA ASP I 92 -22.32 -32.39 32.33
C ASP I 92 -21.11 -31.49 32.56
N LEU I 93 -19.93 -32.09 32.63
CA LEU I 93 -18.72 -31.32 32.85
C LEU I 93 -18.43 -30.35 31.70
N GLN I 94 -18.33 -30.88 30.48
CA GLN I 94 -18.03 -30.04 29.33
C GLN I 94 -18.98 -28.86 29.07
N TYR I 95 -20.25 -28.98 29.49
CA TYR I 95 -21.24 -27.91 29.29
C TYR I 95 -21.13 -26.83 30.38
N PHE I 96 -20.77 -27.27 31.58
CA PHE I 96 -20.60 -26.39 32.72
C PHE I 96 -19.38 -25.49 32.46
N THR I 97 -18.42 -26.01 31.69
CA THR I 97 -17.21 -25.27 31.31
C THR I 97 -17.67 -24.12 30.45
N GLN I 98 -18.19 -24.48 29.28
CA GLN I 98 -18.71 -23.55 28.29
C GLN I 98 -19.59 -22.46 28.93
N ILE I 99 -20.37 -22.82 29.94
CA ILE I 99 -21.19 -21.81 30.60
C ILE I 99 -20.26 -20.95 31.45
N TYR I 100 -19.21 -21.57 32.02
CA TYR I 100 -18.27 -20.80 32.84
C TYR I 100 -17.66 -19.65 32.04
N ASN I 101 -17.05 -19.99 30.91
CA ASN I 101 -16.41 -18.99 30.07
C ASN I 101 -17.40 -17.98 29.51
N TYR I 102 -18.63 -18.42 29.29
CA TYR I 102 -19.64 -17.52 28.79
C TYR I 102 -19.95 -16.44 29.83
N ALA I 103 -19.93 -16.83 31.10
CA ALA I 103 -20.24 -15.92 32.19
C ALA I 103 -19.49 -14.59 32.17
N PHE I 104 -18.21 -14.63 31.85
CA PHE I 104 -17.40 -13.42 31.85
C PHE I 104 -17.83 -12.33 30.89
N ASN I 105 -17.88 -12.64 29.59
CA ASN I 105 -18.26 -11.65 28.59
C ASN I 105 -19.66 -11.04 28.73
N LEU I 106 -20.50 -11.66 29.54
CA LEU I 106 -21.86 -11.20 29.77
C LEU I 106 -21.94 -10.13 30.89
N ILE I 107 -21.23 -10.37 31.99
CA ILE I 107 -21.20 -9.45 33.14
C ILE I 107 -20.18 -8.31 33.03
N LEU I 108 -19.31 -8.39 32.02
CA LEU I 108 -18.29 -7.37 31.80
C LEU I 108 -18.89 -6.19 31.03
N ASP I 109 -18.77 -4.99 31.62
CA ASP I 109 -19.28 -3.74 31.04
C ASP I 109 -18.66 -3.49 29.66
N PRO I 110 -19.49 -3.14 28.65
CA PRO I 110 -19.00 -2.85 27.29
C PRO I 110 -17.76 -1.94 27.20
N ASN I 111 -17.47 -1.19 28.28
CA ASN I 111 -16.33 -0.28 28.32
C ASN I 111 -15.28 -0.68 29.37
N ARG I 112 -15.14 -1.97 29.63
CA ARG I 112 -14.16 -2.44 30.60
C ARG I 112 -13.50 -3.64 29.96
N LYS I 113 -12.35 -4.05 30.49
CA LYS I 113 -11.65 -5.22 30.00
C LYS I 113 -11.78 -6.26 31.09
N ASP I 114 -11.85 -5.80 32.33
CA ASP I 114 -11.96 -6.68 33.48
C ASP I 114 -13.17 -6.34 34.33
N ILE I 115 -13.49 -7.20 35.29
CA ILE I 115 -14.65 -6.99 36.18
C ILE I 115 -14.26 -6.89 37.67
N ASP I 116 -15.08 -6.18 38.44
CA ASP I 116 -14.85 -6.02 39.86
C ASP I 116 -14.86 -7.41 40.49
N THR I 117 -14.44 -7.53 41.74
CA THR I 117 -14.45 -8.84 42.38
C THR I 117 -15.79 -9.11 43.05
N ASP I 118 -16.62 -8.07 43.16
CA ASP I 118 -17.95 -8.23 43.76
C ASP I 118 -18.75 -9.16 42.85
N GLU I 119 -18.78 -8.81 41.57
CA GLU I 119 -19.47 -9.62 40.57
C GLU I 119 -18.66 -10.90 40.41
N GLY I 120 -17.40 -10.84 40.83
CA GLY I 120 -16.54 -11.99 40.73
C GLY I 120 -16.90 -13.05 41.73
N ILE I 121 -16.94 -12.67 43.01
CA ILE I 121 -17.30 -13.59 44.09
C ILE I 121 -18.67 -14.18 43.76
N GLN I 122 -19.61 -13.26 43.51
CA GLN I 122 -21.01 -13.56 43.22
C GLN I 122 -21.27 -14.78 42.34
N TYR I 123 -20.42 -15.03 41.35
CA TYR I 123 -20.62 -16.20 40.50
C TYR I 123 -19.74 -17.37 40.88
N TRP I 124 -18.62 -17.10 41.51
CA TRP I 124 -17.75 -18.20 41.91
C TRP I 124 -18.36 -18.92 43.08
N LYS I 125 -19.30 -18.27 43.77
CA LYS I 125 -19.95 -18.93 44.90
C LYS I 125 -20.86 -20.01 44.28
N LEU I 126 -21.67 -19.62 43.31
CA LEU I 126 -22.58 -20.57 42.65
C LEU I 126 -21.76 -21.60 41.89
N PHE I 127 -21.11 -21.16 40.82
CA PHE I 127 -20.28 -22.02 39.97
C PHE I 127 -19.46 -23.15 40.60
N PHE I 128 -18.77 -22.88 41.70
CA PHE I 128 -17.92 -23.91 42.28
C PHE I 128 -18.45 -24.81 43.38
N GLN I 129 -19.75 -25.11 43.33
CA GLN I 129 -20.38 -26.02 44.28
C GLN I 129 -20.10 -27.44 43.75
N PRO I 130 -20.23 -28.47 44.61
CA PRO I 130 -19.99 -29.86 44.18
C PRO I 130 -20.93 -30.26 43.03
N GLU I 131 -21.21 -29.31 42.15
CA GLU I 131 -22.08 -29.48 41.01
C GLU I 131 -21.54 -28.66 39.84
N PRO I 138 -13.29 -27.32 48.47
CA PRO I 138 -14.29 -26.47 49.12
C PRO I 138 -13.75 -25.50 50.17
N ASP I 139 -12.54 -25.76 50.68
CA ASP I 139 -11.94 -24.88 51.68
C ASP I 139 -10.96 -23.94 50.97
N LEU I 140 -10.36 -24.44 49.90
CA LEU I 140 -9.41 -23.68 49.12
C LEU I 140 -10.13 -22.53 48.42
N LEU I 141 -11.41 -22.73 48.09
CA LEU I 141 -12.18 -21.68 47.44
C LEU I 141 -12.53 -20.60 48.46
N GLU I 142 -12.79 -20.98 49.70
CA GLU I 142 -13.11 -20.00 50.72
C GLU I 142 -11.78 -19.38 51.14
N ALA I 143 -10.69 -20.09 50.86
CA ALA I 143 -9.35 -19.60 51.18
C ALA I 143 -8.78 -18.82 49.99
N TRP I 144 -9.52 -18.83 48.88
CA TRP I 144 -9.11 -18.07 47.70
C TRP I 144 -9.85 -16.74 47.88
N PHE I 145 -11.04 -16.83 48.47
CA PHE I 145 -11.88 -15.66 48.70
C PHE I 145 -11.41 -14.78 49.84
N ARG I 146 -10.18 -15.01 50.31
CA ARG I 146 -9.59 -14.20 51.37
C ARG I 146 -8.25 -13.68 50.83
N PHE I 147 -7.79 -14.33 49.77
CA PHE I 147 -6.56 -13.96 49.08
C PHE I 147 -6.87 -12.75 48.20
N LEU I 148 -8.12 -12.66 47.75
CA LEU I 148 -8.55 -11.56 46.91
C LEU I 148 -8.70 -10.24 47.67
N ARG I 149 -8.88 -10.29 48.98
CA ARG I 149 -9.01 -9.06 49.75
C ARG I 149 -7.73 -8.72 50.52
N ASP I 150 -6.94 -9.74 50.82
CA ASP I 150 -5.68 -9.52 51.52
C ASP I 150 -4.72 -8.79 50.57
N GLU I 151 -4.74 -9.17 49.30
CA GLU I 151 -3.84 -8.59 48.30
C GLU I 151 -4.39 -7.42 47.47
N GLY I 152 -5.57 -6.92 47.85
CA GLY I 152 -6.16 -5.81 47.14
C GLY I 152 -6.48 -6.10 45.68
N LYS I 153 -6.85 -7.34 45.38
CA LYS I 153 -7.19 -7.74 44.02
C LYS I 153 -8.59 -7.29 43.69
N THR I 154 -8.73 -5.99 43.42
CA THR I 154 -10.02 -5.40 43.11
C THR I 154 -10.63 -5.95 41.79
N THR I 155 -9.78 -6.31 40.83
CA THR I 155 -10.27 -6.82 39.55
C THR I 155 -9.71 -8.15 39.04
N ILE I 156 -10.50 -8.77 38.16
CA ILE I 156 -10.19 -10.06 37.56
C ILE I 156 -10.07 -9.92 36.04
N SER I 157 -9.06 -10.56 35.46
CA SER I 157 -8.86 -10.48 34.00
C SER I 157 -9.51 -11.64 33.26
N LYS I 158 -9.66 -11.48 31.95
CA LYS I 158 -10.29 -12.51 31.10
C LYS I 158 -9.44 -13.79 31.01
N ASP I 159 -8.24 -13.76 31.61
CA ASP I 159 -7.35 -14.91 31.59
C ASP I 159 -7.29 -15.57 32.95
N THR I 160 -7.63 -14.81 33.99
CA THR I 160 -7.64 -15.33 35.36
C THR I 160 -8.77 -16.38 35.35
N TRP I 161 -9.99 -15.87 35.17
CA TRP I 161 -11.23 -16.63 35.07
C TRP I 161 -11.01 -18.01 34.37
N ARG I 162 -10.55 -18.00 33.13
CA ARG I 162 -10.31 -19.22 32.38
C ARG I 162 -9.26 -20.18 32.94
N MET I 163 -8.17 -19.64 33.49
CA MET I 163 -7.15 -20.51 34.03
C MET I 163 -7.55 -21.02 35.40
N LEU I 164 -8.49 -20.33 36.03
CA LEU I 164 -9.00 -20.72 37.35
C LEU I 164 -9.66 -22.08 37.18
N LEU I 165 -10.52 -22.19 36.18
CA LEU I 165 -11.21 -23.43 35.91
C LEU I 165 -10.22 -24.59 35.69
N LEU I 166 -9.28 -24.44 34.76
CA LEU I 166 -8.31 -25.50 34.49
C LEU I 166 -7.45 -25.72 35.73
N PHE I 167 -7.29 -24.69 36.55
CA PHE I 167 -6.48 -24.81 37.76
C PHE I 167 -7.06 -25.79 38.77
N PHE I 168 -8.32 -25.62 39.16
CA PHE I 168 -8.93 -26.52 40.13
C PHE I 168 -9.11 -27.92 39.60
N LYS I 169 -9.38 -28.04 38.31
CA LYS I 169 -9.53 -29.36 37.72
C LYS I 169 -8.19 -30.10 37.86
N ARG I 170 -7.31 -29.50 38.64
CA ARG I 170 -6.01 -30.09 38.95
C ARG I 170 -5.88 -30.13 40.47
N TYR I 171 -6.37 -29.08 41.14
CA TYR I 171 -6.29 -28.96 42.60
C TYR I 171 -7.59 -29.21 43.39
N PRO I 172 -7.63 -30.27 44.21
CA PRO I 172 -8.83 -30.56 45.01
C PRO I 172 -8.57 -30.40 46.52
N ALA I 186 3.64 -22.02 34.01
CA ALA I 186 2.54 -22.21 33.08
C ALA I 186 1.26 -21.44 33.46
N TRP I 187 0.96 -21.36 34.75
CA TRP I 187 -0.24 -20.65 35.23
C TRP I 187 0.05 -19.14 35.23
N PRO I 188 -1.00 -18.30 35.26
CA PRO I 188 -0.83 -16.84 35.28
C PRO I 188 -0.02 -16.38 36.53
N PHE I 189 0.49 -15.15 36.53
CA PHE I 189 1.29 -14.67 37.68
C PHE I 189 0.50 -14.40 38.96
N ILE I 190 -0.82 -14.43 38.84
CA ILE I 190 -1.70 -14.20 39.97
C ILE I 190 -1.87 -15.52 40.69
N ILE I 191 -1.81 -16.61 39.91
CA ILE I 191 -1.95 -17.96 40.44
C ILE I 191 -0.65 -18.54 41.01
N ASP I 192 0.46 -17.82 40.85
CA ASP I 192 1.70 -18.29 41.44
C ASP I 192 1.74 -17.66 42.82
N GLU I 193 0.93 -16.61 42.99
CA GLU I 193 0.82 -15.91 44.25
C GLU I 193 -0.12 -16.71 45.15
N PHE I 194 -1.12 -17.33 44.53
CA PHE I 194 -2.07 -18.16 45.26
C PHE I 194 -1.20 -19.32 45.80
N TYR I 195 -0.53 -20.02 44.88
CA TYR I 195 0.34 -21.16 45.19
C TYR I 195 1.33 -20.90 46.33
N GLU I 196 1.74 -19.66 46.54
CA GLU I 196 2.68 -19.37 47.63
C GLU I 196 2.07 -18.62 48.82
N CYS I 197 0.81 -18.19 48.68
CA CYS I 197 0.12 -17.50 49.78
C CYS I 197 -0.48 -18.52 50.74
N LEU I 198 -1.05 -19.59 50.18
CA LEU I 198 -1.67 -20.66 50.96
C LEU I 198 -0.65 -21.51 51.72
N GLN I 199 0.56 -21.66 51.18
CA GLN I 199 1.61 -22.45 51.83
C GLN I 199 2.28 -21.73 53.02
N ASP I 200 2.11 -20.41 53.07
CA ASP I 200 2.70 -19.55 54.11
C ASP I 200 1.96 -19.53 55.47
N GLN I 201 0.70 -19.94 55.45
CA GLN I 201 -0.17 -19.94 56.64
C GLN I 201 -0.53 -21.35 57.16
N GLN I 202 0.46 -22.18 57.47
CA GLN I 202 0.18 -23.54 57.94
C GLN I 202 1.41 -24.18 58.59
N GLU J 7 10.67 -2.38 37.74
CA GLU J 7 12.15 -2.27 37.71
C GLU J 7 12.73 -2.77 36.38
N ARG J 8 13.88 -3.42 36.46
CA ARG J 8 14.59 -3.93 35.29
C ARG J 8 13.80 -5.00 34.52
N GLN J 9 12.67 -5.42 35.07
CA GLN J 9 11.87 -6.46 34.43
C GLN J 9 11.10 -6.02 33.17
N ILE J 10 10.95 -4.71 32.94
CA ILE J 10 10.22 -4.25 31.75
C ILE J 10 11.06 -4.41 30.48
N PHE J 11 12.27 -4.94 30.64
CA PHE J 11 13.17 -5.20 29.51
C PHE J 11 12.65 -6.51 28.95
N LEU J 12 12.41 -7.44 29.86
CA LEU J 12 11.90 -8.77 29.54
C LEU J 12 10.75 -8.66 28.57
N GLU J 13 9.74 -7.90 28.96
CA GLU J 13 8.57 -7.70 28.13
C GLU J 13 8.93 -7.42 26.65
N ALA J 14 10.04 -6.70 26.44
CA ALA J 14 10.48 -6.32 25.09
C ALA J 14 11.22 -7.37 24.26
N CYS J 15 12.01 -8.24 24.90
CA CYS J 15 12.70 -9.28 24.13
C CYS J 15 11.68 -10.35 23.68
N ILE J 16 10.75 -10.66 24.57
CA ILE J 16 9.67 -11.61 24.30
C ILE J 16 9.02 -11.27 22.96
N VAL J 17 8.74 -9.98 22.77
CA VAL J 17 8.10 -9.51 21.55
C VAL J 17 9.03 -9.56 20.34
N ARG J 18 10.34 -9.52 20.56
CA ARG J 18 11.29 -9.60 19.45
C ARG J 18 11.28 -11.01 18.86
N ILE J 19 11.02 -12.00 19.72
CA ILE J 19 10.95 -13.40 19.34
C ILE J 19 9.62 -13.71 18.68
N MET J 20 8.55 -13.27 19.34
CA MET J 20 7.19 -13.49 18.88
C MET J 20 6.82 -12.80 17.56
N LYS J 21 7.54 -11.76 17.18
CA LYS J 21 7.26 -11.06 15.93
C LYS J 21 8.07 -11.69 14.80
N ALA J 22 9.11 -12.42 15.18
CA ALA J 22 9.99 -13.11 14.24
C ALA J 22 9.78 -14.62 14.36
N LEU J 26 3.96 -20.61 19.26
CA LEU J 26 5.05 -21.17 20.05
C LEU J 26 4.53 -21.85 21.33
N PRO J 27 5.34 -22.76 21.88
CA PRO J 27 5.04 -23.49 23.12
C PRO J 27 5.47 -22.77 24.40
N HIS J 28 4.88 -23.17 25.52
CA HIS J 28 5.22 -22.55 26.81
C HIS J 28 6.60 -22.98 27.26
N THR J 29 7.06 -24.12 26.76
CA THR J 29 8.38 -24.62 27.09
C THR J 29 9.34 -23.84 26.21
N THR J 30 9.38 -24.22 24.95
CA THR J 30 10.25 -23.60 23.96
C THR J 30 10.46 -22.10 24.10
N LEU J 31 9.50 -21.36 24.65
CA LEU J 31 9.67 -19.90 24.77
C LEU J 31 10.63 -19.41 25.87
N VAL J 32 10.34 -19.73 27.13
CA VAL J 32 11.23 -19.27 28.21
C VAL J 32 12.66 -19.85 28.14
N ASN J 33 12.84 -20.93 27.39
CA ASN J 33 14.16 -21.54 27.24
C ASN J 33 15.01 -20.70 26.29
N GLU J 34 14.37 -20.13 25.28
CA GLU J 34 15.08 -19.27 24.33
C GLU J 34 14.94 -17.82 24.79
N CYS J 35 14.34 -17.63 25.96
CA CYS J 35 14.16 -16.28 26.51
C CYS J 35 15.26 -15.98 27.51
N ILE J 36 15.27 -16.69 28.64
CA ILE J 36 16.31 -16.47 29.65
C ILE J 36 17.64 -16.72 28.95
N ALA J 37 17.58 -17.40 27.79
CA ALA J 37 18.76 -17.70 26.99
C ALA J 37 19.31 -16.49 26.26
N GLN J 38 18.45 -15.50 26.02
CA GLN J 38 18.89 -14.31 25.32
C GLN J 38 19.45 -13.21 26.21
N SER J 39 19.70 -13.50 27.49
CA SER J 39 20.22 -12.47 28.38
C SER J 39 21.59 -12.68 29.03
N HIS J 40 21.61 -13.42 30.14
CA HIS J 40 22.83 -13.69 30.89
C HIS J 40 23.45 -12.38 31.33
N VAL J 47 12.46 -16.09 36.09
CA VAL J 47 11.35 -16.92 35.63
C VAL J 47 10.17 -16.81 36.60
N SER J 48 10.44 -16.37 37.83
CA SER J 48 9.37 -16.17 38.81
C SER J 48 8.84 -14.75 38.52
N MET J 49 9.57 -14.04 37.66
CA MET J 49 9.25 -12.68 37.24
C MET J 49 8.96 -12.58 35.74
N VAL J 50 9.47 -13.55 34.96
CA VAL J 50 9.24 -13.57 33.51
C VAL J 50 7.74 -13.57 33.31
N LYS J 51 7.06 -14.44 34.07
CA LYS J 51 5.61 -14.57 34.03
C LYS J 51 4.90 -13.23 34.34
N ARG J 52 5.49 -12.42 35.22
CA ARG J 52 4.91 -11.13 35.58
C ARG J 52 4.84 -10.22 34.37
N ALA J 53 5.73 -10.47 33.41
CA ALA J 53 5.80 -9.70 32.17
C ALA J 53 5.13 -10.39 31.01
N ILE J 54 4.99 -11.71 31.09
CA ILE J 54 4.33 -12.46 30.02
C ILE J 54 2.83 -12.32 30.20
N ASP J 55 2.41 -12.09 31.43
CA ASP J 55 0.99 -11.91 31.69
C ASP J 55 0.72 -10.43 31.46
N SER J 56 1.79 -9.63 31.56
CA SER J 56 1.69 -8.19 31.34
C SER J 56 1.58 -7.85 29.86
N LEU J 57 1.83 -8.84 29.01
CA LEU J 57 1.71 -8.65 27.58
C LEU J 57 0.27 -9.00 27.22
N ILE J 58 -0.34 -9.80 28.10
CA ILE J 58 -1.72 -10.21 27.94
C ILE J 58 -2.70 -9.05 28.23
N GLN J 59 -2.55 -8.39 29.37
CA GLN J 59 -3.44 -7.27 29.69
C GLN J 59 -3.39 -6.19 28.61
N LYS J 60 -2.23 -6.02 27.98
CA LYS J 60 -2.01 -5.00 26.95
C LYS J 60 -2.38 -5.42 25.54
N GLY J 61 -2.42 -6.72 25.30
CA GLY J 61 -2.82 -7.17 23.98
C GLY J 61 -1.82 -7.72 22.99
N TYR J 62 -0.60 -8.05 23.41
CA TYR J 62 0.37 -8.60 22.46
C TYR J 62 0.18 -10.12 22.25
N LEU J 63 0.03 -10.85 23.34
CA LEU J 63 -0.18 -12.29 23.32
C LEU J 63 -1.60 -12.63 23.69
N GLN J 64 -2.07 -13.71 23.10
CA GLN J 64 -3.40 -14.27 23.32
C GLN J 64 -2.95 -15.65 23.77
N ARG J 65 -3.67 -16.30 24.68
CA ARG J 65 -3.25 -17.63 25.09
C ARG J 65 -3.75 -18.62 24.03
N GLY J 66 -2.88 -19.56 23.62
CA GLY J 66 -3.27 -20.54 22.61
C GLY J 66 -4.31 -21.50 23.16
N ASP J 67 -5.26 -21.89 22.32
CA ASP J 67 -6.35 -22.79 22.74
C ASP J 67 -5.82 -23.97 23.56
N ASP J 68 -4.55 -24.27 23.33
CA ASP J 68 -3.82 -25.37 23.97
C ASP J 68 -3.39 -25.12 25.42
N GLY J 69 -3.83 -24.01 25.99
CA GLY J 69 -3.53 -23.68 27.38
C GLY J 69 -2.07 -23.51 27.76
N GLU J 70 -1.17 -24.11 27.00
CA GLU J 70 0.26 -24.00 27.27
C GLU J 70 1.01 -23.54 26.01
N SER J 71 0.34 -22.67 25.26
CA SER J 71 0.88 -22.07 24.06
C SER J 71 0.36 -20.61 24.02
N TYR J 72 1.20 -19.71 23.52
CA TYR J 72 0.89 -18.28 23.42
C TYR J 72 1.05 -17.90 21.93
N ALA J 73 0.47 -16.77 21.50
CA ALA J 73 0.61 -16.38 20.10
C ALA J 73 0.76 -14.86 19.89
N TYR J 74 1.32 -14.45 18.76
CA TYR J 74 1.48 -13.02 18.48
C TYR J 74 0.28 -12.45 17.77
N LEU J 75 -0.16 -11.30 18.25
CA LEU J 75 -1.30 -10.59 17.70
C LEU J 75 -0.84 -9.29 17.10
N ALA J 76 -1.21 -9.06 15.84
CA ALA J 76 -0.85 -7.84 15.13
C ALA J 76 -0.93 -6.63 16.07
#